data_2YO3
#
_entry.id   2YO3
#
_cell.length_a   189.320
_cell.length_b   46.170
_cell.length_c   103.760
_cell.angle_alpha   90.00
_cell.angle_beta   98.03
_cell.angle_gamma   90.00
#
_symmetry.space_group_name_H-M   'C 1 2 1'
#
loop_
_entity.id
_entity.type
_entity.pdbx_description
1 polymer 'GENERAL CONTROL PROTEIN GCN4, PUTATIVE INNER MEMBRANE PROTEIN, GENERAL CONTROL PROTEIN GCN4'
2 non-polymer 'CHLORIDE ION'
3 water water
#
_entity_poly.entity_id   1
_entity_poly.type   'polypeptide(L)'
_entity_poly.pdbx_seq_one_letter_code
;MKQIEDKIEEILSKIYHIENEIARIKKLIKVTDAQVSRNTQSITNLNTQVSNLDTRVTNIENGIGDIVTTGSTKYFKTNT
DGADANAQGADSVAIGSGSIAAAENSVALGTNSVADEANTVSVGSSTQQRRITNVAAGVNNTDAVNVAQLKASEAGSVRY
ETNADGSVNYSVLNLGDGSGGTTRIGNVSAAVNDTDAVNYAQLKRSVEEANTYTDQKMGEMNSKIKGVENKMKQIEDKIE
EILSKIYHIENEIARIKKLIKLHHHHHH
;
_entity_poly.pdbx_strand_id   A,B,C
#
# COMPACT_ATOMS: atom_id res chain seq x y z
N LYS A 2 93.27 85.33 28.83
CA LYS A 2 91.91 85.96 28.79
C LYS A 2 91.03 85.32 27.69
N GLN A 3 91.48 85.35 26.44
CA GLN A 3 90.70 84.78 25.33
C GLN A 3 90.66 83.25 25.41
N ILE A 4 91.82 82.65 25.71
CA ILE A 4 91.96 81.19 25.79
C ILE A 4 91.24 80.60 27.01
N GLU A 5 91.36 81.24 28.17
CA GLU A 5 90.73 80.73 29.39
C GLU A 5 89.20 80.68 29.26
N ASP A 6 88.64 81.68 28.59
CA ASP A 6 87.20 81.76 28.35
C ASP A 6 86.74 80.72 27.33
N LYS A 7 87.54 80.50 26.30
CA LYS A 7 87.26 79.48 25.27
C LYS A 7 87.30 78.07 25.87
N ILE A 8 88.27 77.79 26.75
CA ILE A 8 88.32 76.53 27.47
C ILE A 8 87.02 76.30 28.24
N GLU A 9 86.59 77.32 28.97
CA GLU A 9 85.32 77.24 29.68
C GLU A 9 84.16 76.97 28.72
N GLU A 10 84.18 77.64 27.56
CA GLU A 10 83.13 77.44 26.54
C GLU A 10 83.04 75.97 26.10
N ILE A 11 84.20 75.37 25.83
CA ILE A 11 84.30 73.99 25.40
C ILE A 11 83.80 73.05 26.48
N LEU A 12 84.13 73.40 27.74
CA LEU A 12 83.77 72.58 28.88
C LEU A 12 82.25 72.54 29.05
N SER A 13 81.61 73.68 28.79
CA SER A 13 80.16 73.76 28.87
C SER A 13 79.56 73.00 27.70
N LYS A 14 80.16 73.11 26.53
CA LYS A 14 79.70 72.36 25.35
C LYS A 14 79.77 70.84 25.56
N ILE A 15 80.87 70.36 26.12
CA ILE A 15 80.97 68.96 26.51
C ILE A 15 79.84 68.57 27.50
N TYR A 16 79.65 69.36 28.57
CA TYR A 16 78.57 69.13 29.55
C TYR A 16 77.21 68.96 28.88
N HIS A 17 76.87 69.86 27.99
CA HIS A 17 75.59 69.80 27.28
C HIS A 17 75.47 68.61 26.35
N ILE A 18 76.58 68.23 25.72
CA ILE A 18 76.60 67.08 24.86
C ILE A 18 76.38 65.79 25.67
N GLU A 19 77.01 65.70 26.84
CA GLU A 19 76.83 64.55 27.72
C GLU A 19 75.33 64.41 28.07
N ASN A 20 74.67 65.52 28.33
CA ASN A 20 73.27 65.50 28.66
C ASN A 20 72.42 65.08 27.47
N GLU A 21 72.81 65.55 26.29
CA GLU A 21 72.11 65.21 25.06
C GLU A 21 72.16 63.72 24.78
N ILE A 22 73.35 63.14 24.93
CA ILE A 22 73.57 61.72 24.75
C ILE A 22 72.75 60.89 25.76
N ALA A 23 72.74 61.31 27.03
CA ALA A 23 71.87 60.69 28.05
C ALA A 23 70.39 60.83 27.67
N ARG A 24 69.98 61.99 27.14
CA ARG A 24 68.62 62.16 26.66
C ARG A 24 68.32 61.19 25.49
N ILE A 25 69.26 61.06 24.56
CA ILE A 25 69.11 60.12 23.46
C ILE A 25 69.02 58.67 23.92
N LYS A 26 69.80 58.30 24.94
CA LYS A 26 69.75 56.95 25.51
C LYS A 26 68.37 56.67 26.08
N LYS A 27 67.84 57.64 26.77
CA LYS A 27 66.49 57.56 27.31
C LYS A 27 65.44 57.36 26.21
N LEU A 28 65.56 58.06 25.08
CA LEU A 28 64.64 57.88 23.98
C LEU A 28 64.72 56.46 23.41
N ILE A 29 65.93 55.92 23.32
CA ILE A 29 66.15 54.57 22.80
C ILE A 29 65.46 53.54 23.71
N LYS A 30 65.53 53.77 25.01
CA LYS A 30 64.87 52.94 26.02
C LYS A 30 63.36 53.00 25.86
N VAL A 31 62.83 54.21 25.68
CA VAL A 31 61.40 54.35 25.47
C VAL A 31 60.96 53.59 24.20
N THR A 32 61.69 53.72 23.12
CA THR A 32 61.37 52.97 21.90
C THR A 32 61.41 51.49 22.13
N ASP A 33 62.44 51.02 22.84
CA ASP A 33 62.63 49.60 23.07
C ASP A 33 61.49 49.00 23.88
N ALA A 34 60.95 49.80 24.80
CA ALA A 34 59.83 49.38 25.61
C ALA A 34 58.59 49.16 24.73
N GLN A 35 58.39 50.01 23.72
CA GLN A 35 57.27 49.81 22.81
C GLN A 35 57.48 48.62 21.91
N VAL A 36 58.70 48.42 21.46
CA VAL A 36 59.02 47.28 20.61
C VAL A 36 58.79 45.98 21.38
N SER A 37 59.03 46.02 22.69
CA SER A 37 58.84 44.87 23.56
CA SER A 37 58.84 44.85 23.54
C SER A 37 57.35 44.54 23.64
N ARG A 38 56.53 45.57 23.81
CA ARG A 38 55.08 45.40 23.79
C ARG A 38 54.61 44.83 22.45
N ASN A 39 55.21 45.29 21.36
CA ASN A 39 54.85 44.81 20.03
C ASN A 39 55.26 43.37 19.77
N THR A 40 56.46 43.02 20.23
CA THR A 40 56.98 41.68 20.10
C THR A 40 56.07 40.73 20.84
N GLN A 41 55.68 41.11 22.07
CA GLN A 41 54.75 40.32 22.87
C GLN A 41 53.38 40.22 22.19
N SER A 42 52.89 41.32 21.68
CA SER A 42 51.59 41.32 20.99
C SER A 42 51.62 40.37 19.79
N ILE A 43 52.71 40.38 19.05
CA ILE A 43 52.84 39.55 17.88
C ILE A 43 52.80 38.07 18.28
N THR A 44 53.52 37.74 19.36
CA THR A 44 53.50 36.40 19.93
C THR A 44 52.09 35.95 20.29
N ASN A 45 51.33 36.82 20.94
CA ASN A 45 49.95 36.52 21.31
C ASN A 45 49.07 36.26 20.08
N LEU A 46 49.22 37.12 19.07
CA LEU A 46 48.51 37.00 17.81
C LEU A 46 48.86 35.73 17.02
N ASN A 47 50.14 35.35 16.99
CA ASN A 47 50.54 34.11 16.31
C ASN A 47 49.83 32.91 16.90
N THR A 48 49.71 32.89 18.22
CA THR A 48 49.00 31.83 18.93
C THR A 48 47.51 31.84 18.62
N GLN A 49 46.90 33.00 18.71
CA GLN A 49 45.45 33.12 18.45
C GLN A 49 45.08 32.74 17.01
N VAL A 50 45.89 33.13 16.04
CA VAL A 50 45.67 32.80 14.64
C VAL A 50 45.85 31.32 14.32
N SER A 51 46.85 30.65 14.89
CA SER A 51 46.97 29.21 14.67
C SER A 51 45.82 28.45 15.37
N ASN A 52 45.31 28.99 16.47
CA ASN A 52 44.16 28.40 17.14
C ASN A 52 42.90 28.54 16.29
N LEU A 53 42.70 29.68 15.65
CA LEU A 53 41.56 29.87 14.75
C LEU A 53 41.68 29.04 13.47
N ASP A 54 42.89 28.87 12.96
CA ASP A 54 43.12 28.08 11.75
C ASP A 54 42.64 26.65 11.97
N THR A 55 42.99 26.09 13.12
CA THR A 55 42.55 24.76 13.51
C THR A 55 41.04 24.67 13.59
N ARG A 56 40.41 25.62 14.27
CA ARG A 56 38.96 25.62 14.42
C ARG A 56 38.26 25.74 13.07
N VAL A 57 38.79 26.59 12.21
CA VAL A 57 38.23 26.77 10.86
C VAL A 57 38.40 25.48 10.04
N THR A 58 39.59 24.87 10.10
CA THR A 58 39.85 23.63 9.36
C THR A 58 38.88 22.52 9.76
N ASN A 59 38.56 22.41 11.04
CA ASN A 59 37.57 21.45 11.53
C ASN A 59 36.14 21.73 11.03
N ILE A 60 35.74 23.01 11.05
CA ILE A 60 34.46 23.40 10.46
C ILE A 60 34.42 23.01 8.97
N GLU A 61 35.51 23.29 8.23
CA GLU A 61 35.62 22.94 6.81
C GLU A 61 35.47 21.44 6.57
N ASN A 62 36.26 20.65 7.29
CA ASN A 62 36.28 19.20 7.12
C ASN A 62 34.93 18.54 7.42
N GLY A 63 34.24 19.04 8.45
CA GLY A 63 32.94 18.51 8.83
C GLY A 63 31.79 19.06 8.00
N ILE A 64 31.21 20.17 8.46
CA ILE A 64 30.01 20.76 7.87
C ILE A 64 30.21 21.30 6.45
N GLY A 65 31.43 21.71 6.12
CA GLY A 65 31.76 22.09 4.75
C GLY A 65 31.41 20.94 3.80
N ASP A 66 31.88 19.74 4.14
CA ASP A 66 31.69 18.55 3.31
C ASP A 66 30.22 18.16 3.04
N ILE A 67 29.34 18.45 4.00
CA ILE A 67 27.90 18.16 3.87
C ILE A 67 27.21 19.15 2.91
N VAL A 68 27.69 20.40 2.91
CA VAL A 68 27.24 21.41 1.94
C VAL A 68 27.46 20.96 0.47
N THR A 69 28.70 20.59 0.15
CA THR A 69 29.08 20.27 -1.24
C THR A 69 28.48 18.97 -1.71
N THR A 70 28.44 17.98 -0.80
CA THR A 70 27.91 16.65 -1.10
C THR A 70 26.37 16.62 -1.04
N GLY A 71 25.80 17.46 -0.17
CA GLY A 71 24.36 17.39 0.12
C GLY A 71 23.96 16.18 0.96
N SER A 72 24.95 15.44 1.48
CA SER A 72 24.69 14.27 2.34
C SER A 72 25.26 14.44 3.76
N THR A 73 24.58 13.89 4.75
CA THR A 73 25.16 13.70 6.09
C THR A 73 25.61 12.23 6.20
N LYS A 74 26.05 11.80 7.37
CA LYS A 74 26.49 10.41 7.52
C LYS A 74 25.34 9.41 7.40
N TYR A 75 24.13 9.83 7.74
CA TYR A 75 22.97 8.96 7.74
C TYR A 75 21.91 9.31 6.71
N PHE A 76 22.07 10.42 6.01
CA PHE A 76 21.19 10.79 4.92
C PHE A 76 22.11 11.03 3.72
N LYS A 77 22.17 10.03 2.85
CA LYS A 77 23.12 10.00 1.76
C LYS A 77 22.42 9.80 0.43
N THR A 78 22.96 10.47 -0.58
CA THR A 78 22.59 10.17 -1.95
C THR A 78 23.84 10.16 -2.82
N ASN A 79 23.75 9.48 -3.94
CA ASN A 79 24.87 9.33 -4.87
C ASN A 79 24.39 9.84 -6.22
N THR A 80 24.71 11.09 -6.52
CA THR A 80 24.07 11.77 -7.63
C THR A 80 24.82 13.03 -8.04
N ASP A 81 24.73 13.33 -9.33
CA ASP A 81 25.20 14.57 -9.94
C ASP A 81 24.05 15.52 -10.29
N GLY A 82 22.85 15.26 -9.77
CA GLY A 82 21.64 15.92 -10.28
C GLY A 82 21.34 17.32 -9.73
N ALA A 83 20.24 17.89 -10.20
CA ALA A 83 19.79 19.19 -9.76
C ALA A 83 19.20 19.03 -8.36
N ASP A 84 19.27 20.11 -7.57
CA ASP A 84 18.78 20.09 -6.19
C ASP A 84 17.36 19.56 -6.05
N ALA A 85 17.05 18.98 -4.88
CA ALA A 85 15.67 18.61 -4.55
C ALA A 85 14.87 19.90 -4.45
N ASN A 86 13.55 19.82 -4.59
CA ASN A 86 12.69 21.01 -4.54
C ASN A 86 11.45 20.72 -3.68
N ALA A 87 11.47 21.19 -2.44
CA ALA A 87 10.31 21.08 -1.58
C ALA A 87 9.50 22.36 -1.79
N GLN A 88 8.66 22.32 -2.81
CA GLN A 88 7.95 23.50 -3.26
C GLN A 88 6.72 23.76 -2.41
N GLY A 89 5.91 22.73 -2.21
CA GLY A 89 4.65 22.88 -1.48
C GLY A 89 4.85 23.16 0.00
N ALA A 90 3.87 23.81 0.63
CA ALA A 90 3.91 24.07 2.07
C ALA A 90 3.94 22.76 2.88
N ASP A 91 4.87 22.70 3.84
CA ASP A 91 5.13 21.53 4.65
C ASP A 91 5.52 20.30 3.83
N SER A 92 6.02 20.53 2.61
CA SER A 92 6.46 19.43 1.78
C SER A 92 7.86 18.99 2.17
N VAL A 93 8.23 17.81 1.66
CA VAL A 93 9.54 17.24 1.86
C VAL A 93 9.96 16.66 0.52
N ALA A 94 11.18 16.94 0.11
CA ALA A 94 11.69 16.45 -1.16
C ALA A 94 13.04 15.82 -0.90
N ILE A 95 13.20 14.58 -1.34
CA ILE A 95 14.42 13.82 -1.09
C ILE A 95 14.91 13.25 -2.37
N GLY A 96 16.11 13.68 -2.76
CA GLY A 96 16.79 13.15 -3.94
C GLY A 96 16.91 14.20 -4.99
N SER A 97 17.93 14.10 -5.83
CA SER A 97 18.10 15.10 -6.87
C SER A 97 16.91 15.02 -7.83
N GLY A 98 16.58 16.15 -8.44
CA GLY A 98 15.44 16.25 -9.35
C GLY A 98 14.06 16.03 -8.69
N SER A 99 14.01 15.81 -7.38
CA SER A 99 12.73 15.51 -6.76
C SER A 99 11.96 16.81 -6.61
N ILE A 100 10.64 16.74 -6.72
CA ILE A 100 9.81 17.93 -6.55
C ILE A 100 8.52 17.56 -5.83
N ALA A 101 8.35 18.14 -4.64
CA ALA A 101 7.15 17.96 -3.85
C ALA A 101 6.34 19.23 -4.01
N ALA A 102 5.53 19.27 -5.08
CA ALA A 102 4.76 20.44 -5.45
C ALA A 102 3.53 20.71 -4.56
N ALA A 103 2.98 19.66 -3.96
CA ALA A 103 1.69 19.75 -3.27
C ALA A 103 1.86 19.91 -1.75
N GLU A 104 0.85 20.48 -1.10
CA GLU A 104 0.78 20.66 0.37
C GLU A 104 0.91 19.37 1.17
N ASN A 105 1.76 19.40 2.20
CA ASN A 105 1.99 18.26 3.07
C ASN A 105 2.38 16.97 2.34
N SER A 106 3.10 17.10 1.23
CA SER A 106 3.51 15.95 0.43
C SER A 106 5.00 15.59 0.63
N VAL A 107 5.36 14.40 0.15
CA VAL A 107 6.72 13.88 0.20
C VAL A 107 7.09 13.27 -1.12
N ALA A 108 8.15 13.79 -1.74
CA ALA A 108 8.71 13.22 -2.96
C ALA A 108 9.94 12.44 -2.51
N LEU A 109 9.89 11.12 -2.66
CA LEU A 109 10.95 10.27 -2.17
C LEU A 109 11.64 9.55 -3.33
N GLY A 110 12.92 9.86 -3.53
CA GLY A 110 13.73 9.22 -4.54
C GLY A 110 14.10 10.19 -5.62
N THR A 111 15.19 9.90 -6.29
CA THR A 111 15.64 10.70 -7.41
C THR A 111 14.54 10.84 -8.44
N ASN A 112 14.30 12.07 -8.87
CA ASN A 112 13.28 12.43 -9.86
C ASN A 112 11.84 12.16 -9.47
N SER A 113 11.58 11.89 -8.19
CA SER A 113 10.21 11.62 -7.76
C SER A 113 9.42 12.93 -7.73
N VAL A 114 8.13 12.82 -7.99
CA VAL A 114 7.24 13.96 -8.15
C VAL A 114 6.02 13.70 -7.30
N ALA A 115 5.73 14.59 -6.36
CA ALA A 115 4.54 14.48 -5.54
C ALA A 115 3.69 15.70 -5.80
N ASP A 116 2.59 15.49 -6.51
CA ASP A 116 1.77 16.55 -7.05
C ASP A 116 0.33 16.49 -6.57
N GLU A 117 0.08 15.65 -5.56
CA GLU A 117 -1.21 15.62 -4.90
C GLU A 117 -0.99 15.81 -3.41
N ALA A 118 -1.89 16.57 -2.78
CA ALA A 118 -1.79 16.92 -1.37
C ALA A 118 -1.84 15.67 -0.51
N ASN A 119 -1.15 15.70 0.63
CA ASN A 119 -1.14 14.57 1.57
C ASN A 119 -0.84 13.22 0.92
N THR A 120 0.20 13.18 0.09
CA THR A 120 0.66 11.93 -0.48
C THR A 120 2.16 11.78 -0.29
N VAL A 121 2.63 10.54 -0.38
CA VAL A 121 4.03 10.26 -0.46
C VAL A 121 4.22 9.61 -1.81
N SER A 122 5.01 10.23 -2.67
CA SER A 122 5.29 9.65 -3.98
C SER A 122 6.64 8.97 -3.98
N VAL A 123 6.69 7.80 -4.61
CA VAL A 123 7.91 7.02 -4.71
C VAL A 123 8.41 7.04 -6.17
N GLY A 124 7.86 7.93 -6.99
CA GLY A 124 8.34 8.12 -8.35
C GLY A 124 7.51 9.18 -9.05
N SER A 125 7.21 8.91 -10.32
CA SER A 125 6.45 9.80 -11.18
C SER A 125 5.64 9.02 -12.20
N SER A 126 4.87 9.73 -13.02
CA SER A 126 4.08 9.07 -14.06
C SER A 126 4.96 8.44 -15.15
N THR A 127 6.22 8.85 -15.23
CA THR A 127 7.14 8.24 -16.20
C THR A 127 8.07 7.17 -15.59
N GLN A 128 8.37 7.25 -14.30
CA GLN A 128 9.13 6.18 -13.61
C GLN A 128 8.55 5.88 -12.28
N GLN A 129 7.88 4.73 -12.18
CA GLN A 129 7.36 4.29 -10.88
C GLN A 129 8.40 3.38 -10.21
N ARG A 130 8.17 3.14 -8.93
CA ARG A 130 9.02 2.29 -8.11
C ARG A 130 8.20 1.29 -7.33
N ARG A 131 8.66 0.06 -7.27
CA ARG A 131 8.07 -0.93 -6.36
C ARG A 131 8.55 -0.61 -4.98
N ILE A 132 7.76 -0.98 -4.00
CA ILE A 132 8.16 -0.84 -2.62
C ILE A 132 8.37 -2.24 -2.11
N THR A 133 9.55 -2.48 -1.54
CA THR A 133 10.00 -3.83 -1.19
C THR A 133 10.22 -4.02 0.30
N ASN A 134 10.28 -5.29 0.70
CA ASN A 134 10.48 -5.75 2.07
C ASN A 134 9.42 -5.19 3.03
N VAL A 135 8.18 -5.17 2.54
CA VAL A 135 7.02 -4.72 3.31
C VAL A 135 6.42 -5.93 4.05
N ALA A 136 6.35 -5.88 5.37
CA ALA A 136 5.70 -6.91 6.16
C ALA A 136 4.18 -6.83 5.97
N ALA A 137 3.51 -7.98 6.07
CA ALA A 137 2.04 -8.02 5.92
C ALA A 137 1.40 -6.99 6.83
N GLY A 138 0.47 -6.20 6.27
CA GLY A 138 -0.29 -5.20 7.04
C GLY A 138 -1.24 -5.80 8.06
N VAL A 139 -1.48 -5.08 9.16
CA VAL A 139 -2.36 -5.58 10.24
C VAL A 139 -3.52 -4.61 10.52
N ASN A 140 -3.20 -3.33 10.80
CA ASN A 140 -4.20 -2.29 10.98
C ASN A 140 -4.88 -1.98 9.64
N ASN A 141 -6.11 -1.48 9.70
CA ASN A 141 -6.84 -1.08 8.48
C ASN A 141 -6.07 -0.15 7.53
N THR A 142 -5.26 0.76 8.08
CA THR A 142 -4.51 1.71 7.24
C THR A 142 -3.02 1.28 7.08
N ASP A 143 -2.71 -0.02 7.25
CA ASP A 143 -1.42 -0.55 6.85
C ASP A 143 -1.44 -0.88 5.37
N ALA A 144 -0.28 -0.80 4.74
CA ALA A 144 -0.10 -1.28 3.38
C ALA A 144 -0.21 -2.82 3.34
N VAL A 145 -0.67 -3.33 2.22
CA VAL A 145 -0.76 -4.78 2.03
C VAL A 145 0.34 -5.23 1.10
N ASN A 146 0.86 -6.43 1.29
CA ASN A 146 1.86 -6.98 0.35
C ASN A 146 1.33 -8.04 -0.63
N VAL A 147 2.14 -8.45 -1.60
CA VAL A 147 1.69 -9.37 -2.64
C VAL A 147 1.22 -10.69 -2.04
N ALA A 148 1.93 -11.21 -1.03
CA ALA A 148 1.54 -12.47 -0.37
C ALA A 148 0.14 -12.35 0.23
N GLN A 149 -0.19 -11.22 0.83
CA GLN A 149 -1.54 -11.01 1.35
C GLN A 149 -2.61 -10.94 0.23
N LEU A 150 -2.30 -10.29 -0.87
CA LEU A 150 -3.23 -10.28 -2.00
C LEU A 150 -3.47 -11.70 -2.52
N LYS A 151 -2.40 -12.47 -2.66
CA LYS A 151 -2.50 -13.85 -3.15
C LYS A 151 -3.31 -14.75 -2.22
N ALA A 152 -3.14 -14.59 -0.91
CA ALA A 152 -3.86 -15.40 0.08
C ALA A 152 -5.35 -15.05 0.04
N SER A 153 -5.62 -13.76 -0.16
CA SER A 153 -6.98 -13.25 -0.19
C SER A 153 -7.69 -13.68 -1.47
N GLU A 154 -6.96 -13.75 -2.58
CA GLU A 154 -7.58 -14.15 -3.83
C GLU A 154 -7.65 -15.67 -4.02
N ALA A 155 -6.87 -16.45 -3.26
CA ALA A 155 -6.92 -17.91 -3.36
C ALA A 155 -8.33 -18.48 -3.16
N GLY A 156 -8.74 -19.28 -4.12
CA GLY A 156 -10.05 -19.89 -4.10
C GLY A 156 -11.11 -19.07 -4.83
N SER A 157 -10.76 -17.89 -5.30
CA SER A 157 -11.71 -17.01 -5.99
C SER A 157 -12.26 -17.71 -7.23
N VAL A 158 -13.58 -17.71 -7.37
CA VAL A 158 -14.24 -18.31 -8.54
C VAL A 158 -14.16 -17.33 -9.70
N ARG A 159 -13.63 -17.78 -10.83
CA ARG A 159 -13.37 -16.93 -11.99
C ARG A 159 -13.86 -17.55 -13.30
N TYR A 160 -14.27 -16.68 -14.21
CA TYR A 160 -14.49 -17.06 -15.58
C TYR A 160 -13.13 -17.23 -16.26
N GLU A 161 -13.12 -17.87 -17.42
CA GLU A 161 -11.96 -17.88 -18.28
C GLU A 161 -11.82 -16.51 -19.01
N THR A 162 -10.58 -16.05 -19.10
CA THR A 162 -10.20 -14.81 -19.79
C THR A 162 -9.49 -15.20 -21.07
N ASN A 163 -9.95 -14.65 -22.19
CA ASN A 163 -9.39 -14.93 -23.53
C ASN A 163 -8.06 -14.21 -23.71
N ALA A 164 -7.31 -14.57 -24.75
CA ALA A 164 -6.02 -13.92 -25.03
C ALA A 164 -6.13 -12.40 -25.18
N ASP A 165 -7.19 -11.94 -25.87
CA ASP A 165 -7.37 -10.50 -26.10
C ASP A 165 -7.82 -9.73 -24.85
N GLY A 166 -8.04 -10.45 -23.75
CA GLY A 166 -8.33 -9.83 -22.46
C GLY A 166 -9.83 -9.79 -22.14
N SER A 167 -10.69 -10.10 -23.11
CA SER A 167 -12.11 -10.22 -22.81
C SER A 167 -12.37 -11.49 -22.00
N VAL A 168 -13.43 -11.44 -21.21
CA VAL A 168 -13.89 -12.51 -20.36
C VAL A 168 -15.03 -13.30 -21.05
N ASN A 169 -14.96 -14.61 -20.97
CA ASN A 169 -16.01 -15.47 -21.52
C ASN A 169 -17.03 -15.70 -20.42
N TYR A 170 -18.07 -14.87 -20.40
CA TYR A 170 -19.12 -14.93 -19.35
C TYR A 170 -20.22 -15.98 -19.63
N SER A 171 -20.22 -16.60 -20.80
CA SER A 171 -21.31 -17.49 -21.18
C SER A 171 -21.24 -18.83 -20.48
N VAL A 172 -20.07 -19.17 -19.91
CA VAL A 172 -19.88 -20.42 -19.17
C VAL A 172 -19.02 -20.16 -17.93
N LEU A 173 -19.44 -20.72 -16.80
CA LEU A 173 -18.70 -20.70 -15.58
C LEU A 173 -18.48 -22.16 -15.18
N ASN A 174 -17.29 -22.68 -15.45
CA ASN A 174 -16.99 -24.08 -15.14
C ASN A 174 -16.46 -24.17 -13.73
N LEU A 175 -17.18 -24.86 -12.87
CA LEU A 175 -16.68 -25.11 -11.51
C LEU A 175 -15.77 -26.33 -11.49
N GLY A 176 -15.42 -26.80 -10.28
CA GLY A 176 -14.65 -28.03 -10.11
C GLY A 176 -13.14 -27.88 -10.15
N ASP A 177 -12.45 -29.00 -9.97
CA ASP A 177 -10.99 -29.00 -9.83
C ASP A 177 -10.20 -28.78 -11.12
N GLY A 178 -10.85 -28.86 -12.27
CA GLY A 178 -10.18 -28.64 -13.57
C GLY A 178 -9.75 -29.93 -14.26
N SER A 179 -9.95 -31.06 -13.59
CA SER A 179 -9.57 -32.37 -14.15
C SER A 179 -10.68 -33.40 -13.97
N GLY A 180 -11.92 -32.96 -14.16
CA GLY A 180 -13.07 -33.85 -14.18
C GLY A 180 -13.96 -33.73 -12.96
N GLY A 181 -13.42 -33.19 -11.88
CA GLY A 181 -14.18 -33.05 -10.64
C GLY A 181 -15.32 -32.06 -10.76
N THR A 182 -16.33 -32.22 -9.92
CA THR A 182 -17.50 -31.32 -9.85
C THR A 182 -17.58 -30.64 -8.48
N THR A 183 -18.47 -29.65 -8.38
CA THR A 183 -18.61 -28.80 -7.20
C THR A 183 -20.07 -28.73 -6.77
N ARG A 184 -20.33 -28.91 -5.48
CA ARG A 184 -21.67 -28.81 -4.95
C ARG A 184 -21.87 -27.38 -4.48
N ILE A 185 -22.87 -26.72 -5.03
CA ILE A 185 -23.13 -25.34 -4.65
C ILE A 185 -24.14 -25.33 -3.52
N GLY A 186 -23.70 -24.82 -2.38
CA GLY A 186 -24.49 -24.80 -1.17
C GLY A 186 -24.98 -23.40 -0.84
N ASN A 187 -26.00 -23.36 0.01
CA ASN A 187 -26.65 -22.12 0.47
C ASN A 187 -27.26 -21.29 -0.66
N VAL A 188 -27.99 -22.00 -1.54
CA VAL A 188 -28.69 -21.39 -2.68
C VAL A 188 -30.16 -21.18 -2.36
N SER A 189 -30.65 -19.95 -2.52
CA SER A 189 -32.06 -19.61 -2.32
C SER A 189 -32.89 -20.13 -3.47
N ALA A 190 -34.20 -20.17 -3.25
CA ALA A 190 -35.17 -20.59 -4.27
C ALA A 190 -35.15 -19.62 -5.44
N ALA A 191 -35.24 -20.15 -6.66
CA ALA A 191 -35.36 -19.31 -7.87
C ALA A 191 -36.63 -18.48 -7.80
N VAL A 192 -36.58 -17.24 -8.32
CA VAL A 192 -37.77 -16.36 -8.44
C VAL A 192 -38.03 -15.95 -9.88
N ASN A 193 -36.96 -15.62 -10.60
CA ASN A 193 -37.05 -15.32 -12.03
C ASN A 193 -36.72 -16.54 -12.89
N ASP A 194 -37.07 -16.46 -14.17
CA ASP A 194 -36.84 -17.56 -15.11
C ASP A 194 -35.39 -18.00 -15.20
N THR A 195 -34.46 -17.05 -15.07
CA THR A 195 -33.01 -17.33 -15.20
C THR A 195 -32.29 -17.39 -13.85
N ASP A 196 -33.03 -17.73 -12.80
CA ASP A 196 -32.43 -18.05 -11.51
C ASP A 196 -32.13 -19.53 -11.44
N ALA A 197 -31.07 -19.88 -10.72
CA ALA A 197 -30.77 -21.27 -10.45
C ALA A 197 -31.80 -21.86 -9.49
N VAL A 198 -32.04 -23.15 -9.64
CA VAL A 198 -33.04 -23.87 -8.88
C VAL A 198 -32.35 -24.65 -7.78
N ASN A 199 -32.94 -24.66 -6.58
CA ASN A 199 -32.41 -25.47 -5.50
C ASN A 199 -33.23 -26.72 -5.31
N TYR A 200 -32.72 -27.61 -4.48
CA TYR A 200 -33.22 -28.97 -4.35
C TYR A 200 -34.61 -29.06 -3.70
N ALA A 201 -34.85 -28.27 -2.64
CA ALA A 201 -36.19 -28.20 -2.04
C ALA A 201 -37.21 -27.83 -3.13
N GLN A 202 -36.80 -26.94 -4.01
CA GLN A 202 -37.66 -26.47 -5.08
C GLN A 202 -37.92 -27.57 -6.12
N LEU A 203 -36.90 -28.35 -6.46
CA LEU A 203 -37.09 -29.49 -7.34
C LEU A 203 -38.09 -30.47 -6.71
N LYS A 204 -37.88 -30.81 -5.45
CA LYS A 204 -38.75 -31.78 -4.79
C LYS A 204 -40.21 -31.31 -4.76
N ARG A 205 -40.42 -30.03 -4.47
CA ARG A 205 -41.74 -29.42 -4.46
C ARG A 205 -42.44 -29.53 -5.83
N SER A 206 -41.69 -29.45 -6.92
CA SER A 206 -42.25 -29.48 -8.26
C SER A 206 -42.71 -30.90 -8.65
N VAL A 207 -41.95 -31.91 -8.22
CA VAL A 207 -42.34 -33.31 -8.39
C VAL A 207 -43.65 -33.57 -7.65
N GLU A 208 -43.73 -33.08 -6.41
CA GLU A 208 -44.94 -33.25 -5.61
C GLU A 208 -46.15 -32.57 -6.22
N GLU A 209 -45.95 -31.42 -6.85
CA GLU A 209 -47.04 -30.75 -7.56
C GLU A 209 -47.50 -31.55 -8.77
N ALA A 210 -46.56 -32.15 -9.51
CA ALA A 210 -46.89 -32.97 -10.67
C ALA A 210 -47.68 -34.20 -10.21
N ASN A 211 -47.24 -34.80 -9.11
CA ASN A 211 -47.94 -35.95 -8.57
C ASN A 211 -49.34 -35.58 -8.08
N THR A 212 -49.46 -34.41 -7.45
CA THR A 212 -50.77 -33.90 -7.02
C THR A 212 -51.71 -33.69 -8.22
N TYR A 213 -51.18 -33.11 -9.30
CA TYR A 213 -51.96 -32.97 -10.53
C TYR A 213 -52.41 -34.34 -11.09
N THR A 214 -51.53 -35.33 -11.01
CA THR A 214 -51.85 -36.69 -11.42
C THR A 214 -52.99 -37.27 -10.57
N ASP A 215 -52.92 -37.09 -9.25
CA ASP A 215 -53.98 -37.55 -8.33
C ASP A 215 -55.31 -36.90 -8.66
N GLN A 216 -55.29 -35.60 -8.92
CA GLN A 216 -56.48 -34.84 -9.28
C GLN A 216 -57.14 -35.43 -10.54
N LYS A 217 -56.31 -35.75 -11.53
CA LYS A 217 -56.78 -36.39 -12.76
C LYS A 217 -57.24 -37.83 -12.50
N MET A 218 -56.40 -38.58 -11.79
CA MET A 218 -56.69 -39.97 -11.39
C MET A 218 -58.07 -40.11 -10.75
N GLY A 219 -58.31 -39.36 -9.67
CA GLY A 219 -59.54 -39.48 -8.88
C GLY A 219 -60.81 -39.12 -9.62
N GLU A 220 -60.68 -38.41 -10.74
CA GLU A 220 -61.80 -38.19 -11.64
C GLU A 220 -62.12 -39.48 -12.40
N MET A 221 -61.09 -40.25 -12.77
CA MET A 221 -61.30 -41.52 -13.49
C MET A 221 -61.77 -42.63 -12.54
N ASN A 222 -61.28 -42.63 -11.30
CA ASN A 222 -61.74 -43.56 -10.26
C ASN A 222 -63.23 -43.38 -9.91
N SER A 223 -63.74 -42.18 -10.11
CA SER A 223 -65.18 -41.93 -9.91
C SER A 223 -66.00 -42.55 -11.03
N LYS A 224 -65.52 -42.44 -12.27
CA LYS A 224 -66.15 -43.11 -13.41
C LYS A 224 -66.10 -44.65 -13.27
N ILE A 225 -64.94 -45.17 -12.90
CA ILE A 225 -64.74 -46.63 -12.78
C ILE A 225 -65.67 -47.20 -11.70
N LYS A 226 -65.77 -46.49 -10.58
CA LYS A 226 -66.70 -46.88 -9.51
C LYS A 226 -68.16 -46.83 -9.95
N GLY A 227 -68.53 -45.82 -10.73
CA GLY A 227 -69.85 -45.74 -11.36
C GLY A 227 -70.12 -46.92 -12.30
N VAL A 228 -69.10 -47.33 -13.06
CA VAL A 228 -69.23 -48.51 -13.92
C VAL A 228 -69.36 -49.79 -13.08
N GLU A 229 -68.55 -49.91 -12.02
CA GLU A 229 -68.62 -51.04 -11.07
C GLU A 229 -70.03 -51.22 -10.44
N ASN A 230 -70.63 -50.12 -10.00
CA ASN A 230 -71.95 -50.19 -9.39
C ASN A 230 -73.01 -50.59 -10.41
N LYS A 231 -73.01 -49.96 -11.58
CA LYS A 231 -73.91 -50.35 -12.68
C LYS A 231 -73.77 -51.84 -13.04
N MET A 232 -72.54 -52.35 -12.97
CA MET A 232 -72.27 -53.74 -13.32
C MET A 232 -72.95 -54.71 -12.35
N LYS A 233 -72.93 -54.40 -11.06
CA LYS A 233 -73.65 -55.19 -10.07
C LYS A 233 -75.16 -55.17 -10.29
N GLN A 234 -75.68 -54.03 -10.75
CA GLN A 234 -77.11 -53.90 -11.08
C GLN A 234 -77.49 -54.85 -12.21
N ILE A 235 -76.70 -54.86 -13.27
CA ILE A 235 -76.92 -55.78 -14.39
C ILE A 235 -76.90 -57.25 -13.92
N GLU A 236 -75.92 -57.58 -13.06
CA GLU A 236 -75.79 -58.93 -12.52
C GLU A 236 -77.05 -59.36 -11.75
N ASP A 237 -77.61 -58.48 -10.93
CA ASP A 237 -78.85 -58.77 -10.20
C ASP A 237 -80.04 -58.96 -11.16
N LYS A 238 -80.13 -58.15 -12.21
CA LYS A 238 -81.20 -58.27 -13.19
C LYS A 238 -81.13 -59.61 -13.93
N ILE A 239 -79.93 -60.04 -14.26
CA ILE A 239 -79.71 -61.33 -14.91
C ILE A 239 -80.13 -62.50 -14.01
N GLU A 240 -79.68 -62.49 -12.76
CA GLU A 240 -80.06 -63.54 -11.81
C GLU A 240 -81.58 -63.61 -11.65
N GLU A 241 -82.23 -62.45 -11.71
CA GLU A 241 -83.69 -62.36 -11.65
C GLU A 241 -84.35 -62.89 -12.93
N ILE A 242 -83.76 -62.58 -14.08
CA ILE A 242 -84.24 -63.10 -15.35
C ILE A 242 -84.08 -64.63 -15.41
N LEU A 243 -82.93 -65.12 -14.96
CA LEU A 243 -82.69 -66.57 -14.90
C LEU A 243 -83.72 -67.28 -14.02
N SER A 244 -84.05 -66.66 -12.90
CA SER A 244 -85.07 -67.18 -12.01
C SER A 244 -86.43 -67.22 -12.70
N LYS A 245 -86.84 -66.11 -13.31
CA LYS A 245 -88.10 -66.06 -14.07
C LYS A 245 -88.19 -67.21 -15.05
N ILE A 246 -87.15 -67.37 -15.85
CA ILE A 246 -87.08 -68.43 -16.87
C ILE A 246 -87.22 -69.83 -16.28
N TYR A 247 -86.59 -70.07 -15.13
CA TYR A 247 -86.73 -71.34 -14.41
C TYR A 247 -88.20 -71.63 -14.09
N HIS A 248 -88.92 -70.62 -13.62
CA HIS A 248 -90.34 -70.77 -13.29
C HIS A 248 -91.24 -70.93 -14.52
N ILE A 249 -90.86 -70.28 -15.63
CA ILE A 249 -91.58 -70.44 -16.89
C ILE A 249 -91.37 -71.84 -17.45
N GLU A 250 -90.13 -72.33 -17.41
CA GLU A 250 -89.78 -73.65 -17.92
C GLU A 250 -90.51 -74.75 -17.14
N ASN A 251 -90.59 -74.58 -15.81
CA ASN A 251 -91.36 -75.49 -14.95
C ASN A 251 -92.85 -75.42 -15.20
N GLU A 252 -93.34 -74.21 -15.44
CA GLU A 252 -94.76 -73.99 -15.75
C GLU A 252 -95.17 -74.63 -17.08
N ILE A 253 -94.33 -74.48 -18.10
CA ILE A 253 -94.57 -75.11 -19.40
C ILE A 253 -94.59 -76.64 -19.32
N ALA A 254 -93.69 -77.19 -18.50
CA ALA A 254 -93.57 -78.64 -18.32
C ALA A 254 -94.81 -79.23 -17.64
N ARG A 255 -95.42 -78.46 -16.75
CA ARG A 255 -96.67 -78.89 -16.11
C ARG A 255 -97.89 -78.73 -17.04
N ILE A 256 -97.80 -77.80 -18.00
CA ILE A 256 -98.81 -77.69 -19.07
C ILE A 256 -98.71 -78.88 -20.00
N LYS A 257 -97.49 -79.35 -20.22
CA LYS A 257 -97.21 -80.51 -21.08
C LYS A 257 -98.01 -81.76 -20.67
N LYS A 258 -98.33 -81.86 -19.39
CA LYS A 258 -99.21 -82.92 -18.87
C LYS A 258 -100.61 -82.38 -18.63
N MET B 1 101.72 79.67 24.15
CA MET B 1 100.27 79.83 23.85
C MET B 1 99.90 79.25 22.48
N LYS B 2 100.90 78.94 21.63
CA LYS B 2 100.68 78.41 20.28
C LYS B 2 100.52 76.90 20.27
N GLN B 3 101.18 76.22 21.19
CA GLN B 3 100.96 74.78 21.39
C GLN B 3 99.52 74.55 21.87
N ILE B 4 99.06 75.44 22.75
CA ILE B 4 97.72 75.36 23.33
C ILE B 4 96.63 75.68 22.30
N GLU B 5 96.84 76.74 21.50
CA GLU B 5 95.88 77.13 20.46
C GLU B 5 95.71 76.03 19.42
N ASP B 6 96.78 75.29 19.15
CA ASP B 6 96.73 74.14 18.24
C ASP B 6 95.86 73.03 18.82
N LYS B 7 96.05 72.73 20.12
CA LYS B 7 95.27 71.68 20.77
C LYS B 7 93.80 72.08 20.84
N ILE B 8 93.53 73.37 21.07
CA ILE B 8 92.17 73.87 21.05
C ILE B 8 91.52 73.71 19.67
N GLU B 9 92.25 73.96 18.58
CA GLU B 9 91.68 73.77 17.24
C GLU B 9 91.31 72.29 17.04
N GLU B 10 92.19 71.41 17.50
CA GLU B 10 92.00 69.97 17.41
C GLU B 10 90.75 69.50 18.17
N ILE B 11 90.58 70.02 19.37
CA ILE B 11 89.43 69.73 20.19
C ILE B 11 88.15 70.21 19.50
N LEU B 12 88.17 71.41 18.93
CA LEU B 12 86.98 71.94 18.25
C LEU B 12 86.59 71.08 17.06
N SER B 13 87.57 70.51 16.39
CA SER B 13 87.30 69.61 15.28
C SER B 13 86.69 68.30 15.78
N LYS B 14 87.18 67.78 16.90
CA LYS B 14 86.59 66.55 17.49
C LYS B 14 85.12 66.77 17.81
N ILE B 15 84.82 67.94 18.36
CA ILE B 15 83.45 68.30 18.74
C ILE B 15 82.54 68.40 17.53
N TYR B 16 83.07 68.97 16.44
CA TYR B 16 82.38 69.01 15.17
C TYR B 16 81.95 67.61 14.73
N HIS B 17 82.88 66.64 14.72
CA HIS B 17 82.57 65.28 14.31
C HIS B 17 81.54 64.63 15.25
N ILE B 18 81.65 64.91 16.55
CA ILE B 18 80.70 64.40 17.52
C ILE B 18 79.30 64.96 17.28
N GLU B 19 79.21 66.26 17.02
CA GLU B 19 77.94 66.89 16.69
C GLU B 19 77.34 66.27 15.46
N ASN B 20 78.15 66.05 14.43
CA ASN B 20 77.63 65.41 13.24
C ASN B 20 77.12 64.00 13.51
N GLU B 21 77.81 63.24 14.37
CA GLU B 21 77.37 61.89 14.73
C GLU B 21 76.03 61.93 15.47
N ILE B 22 75.90 62.85 16.41
CA ILE B 22 74.67 63.00 17.16
C ILE B 22 73.48 63.37 16.27
N ALA B 23 73.69 64.28 15.32
CA ALA B 23 72.63 64.62 14.39
C ALA B 23 72.26 63.38 13.56
N ARG B 24 73.24 62.57 13.16
CA ARG B 24 72.96 61.37 12.37
C ARG B 24 72.12 60.39 13.20
N ILE B 25 72.42 60.31 14.49
CA ILE B 25 71.74 59.40 15.42
C ILE B 25 70.28 59.81 15.65
N LYS B 26 70.02 61.11 15.75
CA LYS B 26 68.66 61.56 15.95
C LYS B 26 67.82 61.26 14.70
N LYS B 27 68.41 61.38 13.51
CA LYS B 27 67.71 61.02 12.29
C LYS B 27 67.35 59.51 12.28
N LEU B 28 68.29 58.66 12.68
CA LEU B 28 68.02 57.21 12.69
C LEU B 28 66.88 56.82 13.62
N ILE B 29 66.87 57.42 14.80
CA ILE B 29 65.87 57.20 15.84
C ILE B 29 64.47 57.66 15.40
N LYS B 30 64.42 58.76 14.65
CA LYS B 30 63.18 59.22 14.06
C LYS B 30 62.64 58.19 13.09
N VAL B 31 63.53 57.62 12.27
CA VAL B 31 63.16 56.63 11.27
C VAL B 31 62.59 55.38 11.96
N THR B 32 63.25 54.91 13.02
CA THR B 32 62.81 53.71 13.71
C THR B 32 61.47 53.94 14.38
N ASP B 33 61.34 55.08 15.07
CA ASP B 33 60.09 55.44 15.74
C ASP B 33 58.91 55.49 14.81
N ALA B 34 59.11 55.93 13.56
CA ALA B 34 58.01 55.99 12.62
C ALA B 34 57.55 54.56 12.27
N GLN B 35 58.51 53.66 12.07
CA GLN B 35 58.15 52.27 11.78
C GLN B 35 57.50 51.62 13.00
N VAL B 36 57.93 51.97 14.20
CA VAL B 36 57.34 51.36 15.38
C VAL B 36 55.89 51.81 15.51
N SER B 37 55.60 53.07 15.18
CA SER B 37 54.22 53.55 15.18
C SER B 37 53.32 52.80 14.21
N ARG B 38 53.86 52.49 13.03
CA ARG B 38 53.09 51.78 12.03
C ARG B 38 52.79 50.40 12.56
N ASN B 39 53.81 49.74 13.12
CA ASN B 39 53.67 48.41 13.69
C ASN B 39 52.67 48.34 14.83
N THR B 40 52.76 49.29 15.75
CA THR B 40 51.85 49.36 16.88
C THR B 40 50.40 49.46 16.38
N GLN B 41 50.16 50.36 15.42
CA GLN B 41 48.86 50.50 14.82
C GLN B 41 48.38 49.20 14.13
N SER B 42 49.26 48.59 13.34
CA SER B 42 48.91 47.37 12.62
C SER B 42 48.50 46.27 13.61
N ILE B 43 49.17 46.21 14.74
CA ILE B 43 48.88 45.23 15.78
C ILE B 43 47.50 45.49 16.39
N THR B 44 47.21 46.72 16.76
CA THR B 44 45.89 47.08 17.26
C THR B 44 44.79 46.66 16.27
N ASN B 45 45.01 46.91 14.98
CA ASN B 45 44.03 46.55 13.96
C ASN B 45 43.84 45.04 13.92
N LEU B 46 44.95 44.32 13.95
CA LEU B 46 44.96 42.87 13.94
C LEU B 46 44.22 42.30 15.14
N ASN B 47 44.41 42.89 16.31
CA ASN B 47 43.75 42.41 17.51
C ASN B 47 42.23 42.41 17.31
N THR B 48 41.69 43.47 16.72
CA THR B 48 40.26 43.62 16.49
C THR B 48 39.80 42.64 15.41
N GLN B 49 40.55 42.53 14.32
CA GLN B 49 40.23 41.58 13.23
CA GLN B 49 40.11 41.61 13.28
C GLN B 49 40.11 40.17 13.81
N VAL B 50 41.15 39.78 14.55
CA VAL B 50 41.24 38.41 15.08
C VAL B 50 40.10 38.14 16.07
N SER B 51 39.80 39.10 16.95
CA SER B 51 38.67 39.00 17.86
C SER B 51 37.33 38.86 17.13
N ASN B 52 37.18 39.55 16.00
CA ASN B 52 35.95 39.48 15.20
C ASN B 52 35.84 38.12 14.54
N LEU B 53 36.96 37.60 14.05
CA LEU B 53 36.99 36.25 13.52
C LEU B 53 36.65 35.21 14.58
N ASP B 54 37.21 35.34 15.79
CA ASP B 54 36.90 34.45 16.92
C ASP B 54 35.39 34.35 17.10
N THR B 55 34.73 35.50 17.20
CA THR B 55 33.26 35.56 17.35
C THR B 55 32.50 34.91 16.20
N ARG B 56 32.94 35.14 14.97
CA ARG B 56 32.26 34.56 13.81
C ARG B 56 32.42 33.04 13.78
N VAL B 57 33.60 32.54 14.16
CA VAL B 57 33.85 31.11 14.20
C VAL B 57 33.03 30.44 15.31
N THR B 58 33.03 31.03 16.50
CA THR B 58 32.20 30.57 17.61
C THR B 58 30.71 30.49 17.21
N ASN B 59 30.21 31.53 16.55
CA ASN B 59 28.82 31.55 16.10
C ASN B 59 28.52 30.50 15.02
N ILE B 60 29.54 30.14 14.23
CA ILE B 60 29.43 29.01 13.31
C ILE B 60 29.30 27.70 14.10
N GLU B 61 30.25 27.50 15.02
CA GLU B 61 30.29 26.27 15.82
C GLU B 61 28.99 26.05 16.57
N ASN B 62 28.40 27.13 17.09
CA ASN B 62 27.13 27.04 17.81
C ASN B 62 25.92 26.81 16.89
N GLY B 63 25.95 27.43 15.70
CA GLY B 63 24.94 27.15 14.66
C GLY B 63 24.87 25.66 14.30
N ILE B 64 26.04 25.04 14.09
CA ILE B 64 26.10 23.62 13.73
C ILE B 64 25.68 22.71 14.89
N GLY B 65 26.24 22.98 16.08
CA GLY B 65 26.00 22.13 17.25
C GLY B 65 26.51 20.70 17.04
N ASP B 66 25.58 19.78 16.76
CA ASP B 66 25.89 18.37 16.57
C ASP B 66 25.36 17.80 15.23
N ILE B 67 25.16 18.68 14.24
CA ILE B 67 24.72 18.23 12.91
C ILE B 67 25.72 17.25 12.30
N VAL B 68 27.01 17.53 12.45
CA VAL B 68 28.04 16.64 11.92
C VAL B 68 28.05 15.30 12.66
N THR B 69 28.17 15.38 13.99
CA THR B 69 28.40 14.20 14.82
C THR B 69 27.20 13.23 14.89
N THR B 70 25.97 13.75 14.81
CA THR B 70 24.78 12.88 14.81
C THR B 70 24.18 12.68 13.41
N GLY B 71 24.79 13.30 12.39
CA GLY B 71 24.28 13.16 11.02
C GLY B 71 22.86 13.67 10.83
N SER B 72 22.39 14.51 11.76
CA SER B 72 20.99 14.96 11.77
C SER B 72 20.83 16.49 11.70
N THR B 73 19.85 16.95 10.92
CA THR B 73 19.47 18.36 10.88
C THR B 73 18.26 18.52 11.79
N LYS B 74 17.71 19.72 11.92
CA LYS B 74 16.49 19.88 12.72
C LYS B 74 15.27 19.09 12.18
N TYR B 75 15.26 18.79 10.88
CA TYR B 75 14.15 18.12 10.20
C TYR B 75 14.46 16.73 9.61
N PHE B 76 15.73 16.33 9.65
CA PHE B 76 16.12 15.01 9.18
C PHE B 76 16.97 14.42 10.29
N LYS B 77 16.37 13.53 11.08
CA LYS B 77 16.94 13.09 12.34
C LYS B 77 16.94 11.58 12.46
N THR B 78 17.98 11.07 13.10
CA THR B 78 18.02 9.68 13.47
C THR B 78 18.68 9.54 14.84
N ASN B 79 18.25 8.53 15.59
CA ASN B 79 18.82 8.26 16.90
C ASN B 79 19.50 6.90 16.74
N THR B 80 20.82 6.92 16.58
CA THR B 80 21.58 5.71 16.23
C THR B 80 23.08 5.92 16.40
N ASP B 81 23.82 4.83 16.58
CA ASP B 81 25.30 4.90 16.64
C ASP B 81 25.97 3.93 15.66
N GLY B 82 25.24 3.54 14.61
CA GLY B 82 25.75 2.56 13.65
C GLY B 82 26.59 3.14 12.52
N ALA B 83 26.90 2.28 11.56
CA ALA B 83 27.68 2.64 10.37
C ALA B 83 26.96 3.64 9.49
N ASP B 84 27.74 4.41 8.74
CA ASP B 84 27.22 5.38 7.79
C ASP B 84 26.26 4.70 6.83
N ALA B 85 25.23 5.45 6.42
CA ALA B 85 24.40 5.07 5.30
C ALA B 85 25.30 4.94 4.09
N ASN B 86 24.85 4.17 3.10
CA ASN B 86 25.64 3.95 1.88
C ASN B 86 24.77 3.97 0.60
N ALA B 87 24.87 5.06 -0.15
CA ALA B 87 24.18 5.19 -1.41
C ALA B 87 25.16 4.75 -2.49
N GLN B 88 25.17 3.46 -2.76
CA GLN B 88 26.13 2.84 -3.66
C GLN B 88 25.67 2.91 -5.12
N GLY B 89 24.38 2.70 -5.39
CA GLY B 89 23.88 2.66 -6.76
C GLY B 89 23.85 4.04 -7.42
N ALA B 90 24.00 4.13 -8.74
CA ALA B 90 23.84 5.42 -9.43
C ALA B 90 22.48 6.01 -9.05
N ASP B 91 22.46 7.30 -8.70
CA ASP B 91 21.21 8.02 -8.38
C ASP B 91 20.42 7.41 -7.20
N SER B 92 21.13 6.68 -6.33
CA SER B 92 20.49 6.04 -5.21
C SER B 92 20.42 6.97 -3.99
N VAL B 93 19.57 6.62 -3.04
CA VAL B 93 19.39 7.35 -1.80
C VAL B 93 19.39 6.32 -0.66
N ALA B 94 20.14 6.58 0.40
CA ALA B 94 20.18 5.72 1.61
C ALA B 94 19.92 6.55 2.86
N ILE B 95 18.95 6.10 3.65
CA ILE B 95 18.53 6.82 4.85
C ILE B 95 18.55 5.87 6.06
N GLY B 96 19.42 6.17 7.03
CA GLY B 96 19.55 5.35 8.23
C GLY B 96 20.92 4.70 8.34
N SER B 97 21.41 4.56 9.57
CA SER B 97 22.65 3.79 9.79
C SER B 97 22.50 2.38 9.21
N GLY B 98 23.58 1.85 8.64
CA GLY B 98 23.55 0.50 8.11
C GLY B 98 22.71 0.34 6.84
N SER B 99 22.08 1.41 6.36
CA SER B 99 21.30 1.31 5.17
C SER B 99 22.23 1.22 3.97
N ILE B 100 21.76 0.51 2.93
CA ILE B 100 22.52 0.30 1.70
C ILE B 100 21.56 0.40 0.51
N ALA B 101 21.70 1.44 -0.29
CA ALA B 101 20.96 1.51 -1.54
C ALA B 101 21.90 1.03 -2.59
N ALA B 102 21.83 -0.27 -2.88
CA ALA B 102 22.83 -0.88 -3.79
C ALA B 102 22.50 -0.66 -5.26
N ALA B 103 21.21 -0.63 -5.59
CA ALA B 103 20.79 -0.67 -6.98
C ALA B 103 20.54 0.73 -7.52
N GLU B 104 20.59 0.82 -8.83
CA GLU B 104 20.34 2.05 -9.57
C GLU B 104 18.99 2.64 -9.21
N ASN B 105 18.97 3.96 -8.94
CA ASN B 105 17.77 4.72 -8.74
C ASN B 105 16.92 4.15 -7.61
N SER B 106 17.58 3.51 -6.63
CA SER B 106 16.86 2.92 -5.51
C SER B 106 16.88 3.86 -4.30
N VAL B 107 16.06 3.50 -3.30
CA VAL B 107 15.96 4.19 -2.02
C VAL B 107 15.95 3.13 -0.91
N ALA B 108 16.88 3.23 0.03
CA ALA B 108 16.87 2.36 1.19
C ALA B 108 16.40 3.24 2.33
N LEU B 109 15.27 2.88 2.90
CA LEU B 109 14.66 3.72 3.92
C LEU B 109 14.59 3.03 5.26
N GLY B 110 15.37 3.55 6.21
CA GLY B 110 15.32 3.10 7.59
C GLY B 110 16.60 2.43 7.99
N THR B 111 16.84 2.33 9.30
CA THR B 111 18.03 1.65 9.80
C THR B 111 18.12 0.26 9.19
N ASN B 112 19.29 -0.06 8.63
CA ASN B 112 19.61 -1.40 8.09
C ASN B 112 18.79 -1.82 6.86
N SER B 113 18.06 -0.90 6.25
CA SER B 113 17.26 -1.22 5.07
C SER B 113 18.21 -1.36 3.88
N VAL B 114 17.91 -2.32 3.02
CA VAL B 114 18.73 -2.64 1.84
C VAL B 114 17.85 -2.60 0.61
N ALA B 115 18.26 -1.83 -0.42
CA ALA B 115 17.57 -1.80 -1.72
C ALA B 115 18.52 -2.40 -2.73
N ASP B 116 18.14 -3.57 -3.23
CA ASP B 116 19.01 -4.37 -4.03
C ASP B 116 18.44 -4.64 -5.42
N GLU B 117 17.33 -3.99 -5.77
CA GLU B 117 16.76 -4.06 -7.12
C GLU B 117 16.52 -2.64 -7.62
N ALA B 118 16.72 -2.44 -8.91
CA ALA B 118 16.62 -1.12 -9.49
C ALA B 118 15.21 -0.55 -9.35
N ASN B 119 15.14 0.77 -9.21
CA ASN B 119 13.87 1.48 -9.19
C ASN B 119 12.96 0.87 -8.16
N THR B 120 13.49 0.69 -6.93
CA THR B 120 12.68 0.29 -5.79
C THR B 120 12.93 1.15 -4.57
N VAL B 121 11.95 1.17 -3.67
CA VAL B 121 12.11 1.73 -2.33
C VAL B 121 12.01 0.57 -1.38
N SER B 122 13.06 0.31 -0.57
CA SER B 122 13.02 -0.74 0.44
C SER B 122 12.79 -0.16 1.83
N VAL B 123 11.85 -0.73 2.57
CA VAL B 123 11.62 -0.32 3.94
C VAL B 123 12.19 -1.33 4.91
N GLY B 124 13.08 -2.19 4.41
CA GLY B 124 13.76 -3.17 5.26
C GLY B 124 14.74 -4.02 4.48
N SER B 125 14.75 -5.31 4.78
CA SER B 125 15.69 -6.22 4.17
C SER B 125 15.10 -7.62 4.23
N SER B 126 15.78 -8.60 3.62
CA SER B 126 15.24 -9.94 3.50
C SER B 126 15.05 -10.58 4.88
N THR B 127 15.80 -10.13 5.89
CA THR B 127 15.75 -10.69 7.23
C THR B 127 14.96 -9.81 8.22
N GLN B 128 14.76 -8.53 7.91
CA GLN B 128 13.89 -7.70 8.75
C GLN B 128 13.04 -6.75 7.88
N GLN B 129 11.77 -7.06 7.82
CA GLN B 129 10.81 -6.24 7.08
C GLN B 129 10.12 -5.25 8.02
N ARG B 130 9.46 -4.29 7.42
CA ARG B 130 8.68 -3.33 8.15
C ARG B 130 7.27 -3.20 7.57
N ARG B 131 6.27 -3.08 8.42
CA ARG B 131 4.96 -2.66 7.94
C ARG B 131 4.99 -1.17 7.61
N ILE B 132 4.10 -0.75 6.71
CA ILE B 132 3.96 0.66 6.38
C ILE B 132 2.59 1.08 6.89
N THR B 133 2.56 2.09 7.76
CA THR B 133 1.35 2.48 8.46
C THR B 133 0.83 3.87 8.06
N ASN B 134 -0.41 4.13 8.45
CA ASN B 134 -1.15 5.39 8.20
C ASN B 134 -1.22 5.72 6.71
N VAL B 135 -1.49 4.69 5.96
CA VAL B 135 -1.68 4.75 4.54
C VAL B 135 -3.17 4.93 4.23
N ALA B 136 -3.51 6.04 3.59
CA ALA B 136 -4.89 6.29 3.16
C ALA B 136 -5.21 5.41 1.95
N ALA B 137 -6.47 5.02 1.80
CA ALA B 137 -6.85 4.09 0.72
C ALA B 137 -6.42 4.62 -0.66
N GLY B 138 -5.82 3.77 -1.47
CA GLY B 138 -5.45 4.16 -2.83
C GLY B 138 -6.63 4.55 -3.72
N VAL B 139 -6.41 5.53 -4.60
CA VAL B 139 -7.39 5.97 -5.57
C VAL B 139 -6.89 5.67 -6.98
N ASN B 140 -5.72 6.21 -7.34
CA ASN B 140 -5.13 6.00 -8.67
C ASN B 140 -4.65 4.55 -8.80
N ASN B 141 -4.51 4.08 -10.04
CA ASN B 141 -4.07 2.72 -10.30
C ASN B 141 -2.68 2.45 -9.70
N THR B 142 -1.82 3.46 -9.64
CA THR B 142 -0.49 3.30 -9.07
C THR B 142 -0.37 3.78 -7.62
N ASP B 143 -1.51 3.90 -6.94
CA ASP B 143 -1.54 4.14 -5.51
C ASP B 143 -1.44 2.81 -4.77
N ALA B 144 -0.84 2.82 -3.59
CA ALA B 144 -0.77 1.64 -2.73
C ALA B 144 -2.17 1.34 -2.18
N VAL B 145 -2.42 0.06 -1.96
CA VAL B 145 -3.63 -0.45 -1.35
C VAL B 145 -3.42 -0.72 0.13
N ASN B 146 -4.42 -0.37 0.96
CA ASN B 146 -4.35 -0.70 2.38
C ASN B 146 -5.18 -1.94 2.75
N VAL B 147 -5.07 -2.34 4.01
CA VAL B 147 -5.71 -3.55 4.52
C VAL B 147 -7.22 -3.44 4.46
N ALA B 148 -7.77 -2.28 4.82
CA ALA B 148 -9.22 -2.04 4.71
C ALA B 148 -9.72 -2.27 3.29
N GLN B 149 -8.97 -1.80 2.29
CA GLN B 149 -9.37 -2.01 0.88
C GLN B 149 -9.36 -3.50 0.51
N LEU B 150 -8.31 -4.22 0.91
CA LEU B 150 -8.22 -5.66 0.61
C LEU B 150 -9.36 -6.40 1.27
N LYS B 151 -9.65 -6.10 2.53
CA LYS B 151 -10.74 -6.76 3.23
C LYS B 151 -12.10 -6.50 2.56
N ALA B 152 -12.33 -5.26 2.09
CA ALA B 152 -13.60 -4.92 1.45
C ALA B 152 -13.74 -5.70 0.14
N SER B 153 -12.68 -5.69 -0.66
CA SER B 153 -12.65 -6.45 -1.89
C SER B 153 -12.93 -7.93 -1.59
N GLU B 154 -12.18 -8.51 -0.66
CA GLU B 154 -12.36 -9.91 -0.35
C GLU B 154 -13.80 -10.23 0.12
N ALA B 155 -14.42 -9.31 0.87
CA ALA B 155 -15.79 -9.51 1.35
C ALA B 155 -16.80 -9.72 0.23
N GLY B 156 -16.60 -9.06 -0.92
CA GLY B 156 -17.48 -9.26 -2.07
C GLY B 156 -17.17 -10.48 -2.92
N SER B 157 -16.14 -11.24 -2.53
CA SER B 157 -15.62 -12.32 -3.34
C SER B 157 -16.38 -13.65 -3.16
N VAL B 158 -16.54 -14.41 -4.24
CA VAL B 158 -17.06 -15.77 -4.16
C VAL B 158 -15.90 -16.72 -4.23
N ARG B 159 -15.71 -17.51 -3.17
CA ARG B 159 -14.49 -18.31 -3.02
C ARG B 159 -14.75 -19.73 -2.56
N TYR B 160 -14.05 -20.68 -3.15
CA TYR B 160 -13.87 -21.98 -2.54
C TYR B 160 -13.09 -21.86 -1.25
N GLU B 161 -13.23 -22.88 -0.42
CA GLU B 161 -12.51 -22.92 0.85
C GLU B 161 -11.04 -23.36 0.61
N THR B 162 -10.11 -22.79 1.39
CA THR B 162 -8.69 -23.17 1.36
C THR B 162 -8.38 -24.09 2.54
N ASN B 163 -7.69 -25.19 2.26
CA ASN B 163 -7.31 -26.13 3.33
C ASN B 163 -6.13 -25.56 4.09
N ALA B 164 -5.82 -26.17 5.23
CA ALA B 164 -4.71 -25.74 6.07
C ALA B 164 -3.36 -25.80 5.34
N ASP B 165 -3.23 -26.73 4.39
CA ASP B 165 -2.01 -26.84 3.58
C ASP B 165 -1.96 -25.87 2.37
N GLY B 166 -2.93 -24.98 2.25
CA GLY B 166 -3.00 -24.02 1.14
C GLY B 166 -3.61 -24.53 -0.16
N SER B 167 -4.00 -25.80 -0.24
CA SER B 167 -4.73 -26.27 -1.42
C SER B 167 -6.18 -25.80 -1.35
N VAL B 168 -6.83 -25.71 -2.50
CA VAL B 168 -8.22 -25.25 -2.58
C VAL B 168 -9.13 -26.46 -2.58
N ASN B 169 -10.20 -26.39 -1.80
CA ASN B 169 -11.20 -27.44 -1.79
C ASN B 169 -12.28 -27.14 -2.85
N TYR B 170 -12.19 -27.81 -4.00
CA TYR B 170 -13.10 -27.53 -5.09
C TYR B 170 -14.43 -28.28 -5.04
N SER B 171 -14.58 -29.19 -4.07
CA SER B 171 -15.75 -30.07 -4.09
C SER B 171 -17.03 -29.38 -3.58
N VAL B 172 -16.89 -28.27 -2.86
CA VAL B 172 -18.01 -27.50 -2.30
C VAL B 172 -17.79 -25.98 -2.51
N LEU B 173 -18.83 -25.29 -2.96
CA LEU B 173 -18.82 -23.84 -3.02
C LEU B 173 -19.97 -23.36 -2.19
N ASN B 174 -19.66 -22.76 -1.05
CA ASN B 174 -20.69 -22.27 -0.15
C ASN B 174 -20.94 -20.79 -0.36
N LEU B 175 -22.19 -20.45 -0.66
CA LEU B 175 -22.61 -19.07 -0.86
C LEU B 175 -23.23 -18.58 0.47
N GLY B 176 -24.10 -17.58 0.42
CA GLY B 176 -24.78 -17.11 1.62
C GLY B 176 -23.99 -16.06 2.39
N ASP B 177 -24.56 -15.57 3.49
CA ASP B 177 -24.00 -14.42 4.23
C ASP B 177 -23.14 -14.80 5.44
N GLY B 178 -22.79 -16.08 5.56
CA GLY B 178 -21.93 -16.53 6.65
C GLY B 178 -22.67 -16.99 7.88
N SER B 179 -23.78 -16.34 8.22
CA SER B 179 -24.58 -16.74 9.38
CA SER B 179 -24.57 -16.74 9.37
C SER B 179 -25.39 -18.00 9.02
N GLY B 180 -26.41 -17.82 8.18
CA GLY B 180 -27.26 -18.93 7.72
C GLY B 180 -28.20 -18.53 6.60
N GLY B 181 -27.91 -17.39 5.96
CA GLY B 181 -28.73 -16.87 4.88
C GLY B 181 -28.27 -17.54 3.61
N THR B 182 -29.07 -17.40 2.55
CA THR B 182 -28.76 -18.04 1.29
C THR B 182 -28.67 -17.01 0.17
N THR B 183 -28.14 -17.45 -0.96
CA THR B 183 -27.93 -16.56 -2.09
C THR B 183 -28.75 -17.06 -3.28
N ARG B 184 -29.56 -16.18 -3.86
CA ARG B 184 -30.24 -16.47 -5.11
C ARG B 184 -29.26 -16.23 -6.26
N ILE B 185 -29.10 -17.21 -7.14
CA ILE B 185 -28.16 -17.07 -8.27
C ILE B 185 -28.90 -16.64 -9.53
N GLY B 186 -28.56 -15.46 -10.04
CA GLY B 186 -29.24 -14.84 -11.17
C GLY B 186 -28.45 -14.93 -12.46
N ASN B 187 -29.15 -14.73 -13.58
CA ASN B 187 -28.57 -14.79 -14.91
C ASN B 187 -27.91 -16.14 -15.24
N VAL B 188 -28.61 -17.23 -14.93
CA VAL B 188 -28.14 -18.58 -15.19
C VAL B 188 -28.78 -19.10 -16.47
N SER B 189 -27.97 -19.66 -17.38
CA SER B 189 -28.49 -20.23 -18.63
C SER B 189 -29.08 -21.64 -18.41
N ALA B 190 -29.92 -22.08 -19.34
CA ALA B 190 -30.49 -23.42 -19.27
C ALA B 190 -29.34 -24.42 -19.37
N ALA B 191 -29.40 -25.48 -18.56
CA ALA B 191 -28.43 -26.55 -18.60
C ALA B 191 -28.44 -27.27 -19.94
N VAL B 192 -27.25 -27.61 -20.44
CA VAL B 192 -27.11 -28.44 -21.63
C VAL B 192 -26.62 -29.84 -21.23
N ASN B 193 -25.61 -29.89 -20.38
CA ASN B 193 -24.99 -31.13 -19.96
C ASN B 193 -25.54 -31.59 -18.62
N ASP B 194 -25.40 -32.88 -18.37
CA ASP B 194 -25.94 -33.50 -17.14
C ASP B 194 -25.45 -32.85 -15.85
N THR B 195 -24.20 -32.39 -15.82
CA THR B 195 -23.69 -31.68 -14.66
C THR B 195 -23.79 -30.16 -14.76
N ASP B 196 -24.71 -29.64 -15.57
CA ASP B 196 -24.94 -28.20 -15.55
C ASP B 196 -26.01 -27.87 -14.52
N ALA B 197 -25.92 -26.69 -13.93
CA ALA B 197 -27.00 -26.16 -13.09
C ALA B 197 -28.22 -25.90 -13.96
N VAL B 198 -29.41 -26.06 -13.40
CA VAL B 198 -30.65 -25.82 -14.15
C VAL B 198 -31.27 -24.52 -13.69
N ASN B 199 -32.01 -23.85 -14.58
CA ASN B 199 -32.67 -22.62 -14.21
C ASN B 199 -34.18 -22.82 -14.06
N TYR B 200 -34.84 -21.81 -13.50
CA TYR B 200 -36.25 -21.92 -13.15
C TYR B 200 -37.16 -22.17 -14.37
N ALA B 201 -36.90 -21.49 -15.49
CA ALA B 201 -37.65 -21.71 -16.73
C ALA B 201 -37.63 -23.19 -17.10
N GLN B 202 -36.47 -23.79 -16.92
CA GLN B 202 -36.23 -25.19 -17.28
C GLN B 202 -37.01 -26.14 -16.36
N LEU B 203 -37.02 -25.86 -15.05
CA LEU B 203 -37.85 -26.61 -14.12
C LEU B 203 -39.33 -26.52 -14.53
N LYS B 204 -39.79 -25.32 -14.87
CA LYS B 204 -41.20 -25.11 -15.22
C LYS B 204 -41.60 -25.87 -16.48
N ARG B 205 -40.74 -25.89 -17.50
CA ARG B 205 -40.97 -26.71 -18.68
C ARG B 205 -41.05 -28.20 -18.33
N SER B 206 -40.20 -28.67 -17.41
CA SER B 206 -40.19 -30.08 -16.98
CA SER B 206 -40.19 -30.07 -16.99
C SER B 206 -41.50 -30.44 -16.29
N VAL B 207 -42.02 -29.54 -15.48
CA VAL B 207 -43.33 -29.73 -14.87
C VAL B 207 -44.39 -29.83 -15.98
N GLU B 208 -44.31 -28.98 -17.00
CA GLU B 208 -45.27 -28.99 -18.11
C GLU B 208 -45.22 -30.35 -18.84
N GLU B 209 -44.02 -30.82 -19.16
CA GLU B 209 -43.87 -32.14 -19.79
C GLU B 209 -44.59 -33.21 -18.97
N ALA B 210 -44.35 -33.24 -17.67
CA ALA B 210 -45.00 -34.21 -16.80
C ALA B 210 -46.52 -34.06 -16.80
N ASN B 211 -47.02 -32.81 -16.74
CA ASN B 211 -48.46 -32.59 -16.75
C ASN B 211 -49.07 -33.09 -18.07
N THR B 212 -48.39 -32.83 -19.18
CA THR B 212 -48.81 -33.28 -20.50
C THR B 212 -48.87 -34.78 -20.61
N TYR B 213 -47.89 -35.45 -19.99
CA TYR B 213 -47.85 -36.90 -19.97
C TYR B 213 -49.08 -37.40 -19.24
N THR B 214 -49.33 -36.81 -18.08
CA THR B 214 -50.52 -37.11 -17.32
C THR B 214 -51.80 -36.91 -18.12
N ASP B 215 -51.91 -35.80 -18.88
CA ASP B 215 -53.12 -35.51 -19.64
C ASP B 215 -53.31 -36.51 -20.78
N GLN B 216 -52.22 -36.81 -21.49
CA GLN B 216 -52.25 -37.84 -22.53
C GLN B 216 -52.74 -39.18 -21.96
N LYS B 217 -52.13 -39.61 -20.87
CA LYS B 217 -52.45 -40.91 -20.26
C LYS B 217 -53.88 -41.00 -19.76
N MET B 218 -54.32 -40.00 -19.01
CA MET B 218 -55.67 -39.94 -18.51
C MET B 218 -56.73 -39.83 -19.59
N GLY B 219 -56.40 -39.17 -20.69
CA GLY B 219 -57.22 -39.16 -21.89
C GLY B 219 -57.40 -40.58 -22.43
N GLU B 220 -56.30 -41.31 -22.54
CA GLU B 220 -56.33 -42.70 -22.99
C GLU B 220 -57.16 -43.60 -22.02
N MET B 221 -57.09 -43.29 -20.73
CA MET B 221 -57.89 -44.02 -19.73
C MET B 221 -59.39 -43.68 -19.89
N ASN B 222 -59.68 -42.41 -20.08
CA ASN B 222 -61.05 -41.94 -20.31
C ASN B 222 -61.66 -42.65 -21.52
N SER B 223 -60.89 -42.81 -22.59
CA SER B 223 -61.38 -43.53 -23.76
C SER B 223 -61.70 -44.99 -23.44
N LYS B 224 -60.89 -45.58 -22.56
CA LYS B 224 -61.08 -46.97 -22.16
C LYS B 224 -62.33 -47.14 -21.30
N ILE B 225 -62.61 -46.16 -20.45
CA ILE B 225 -63.78 -46.18 -19.58
C ILE B 225 -65.03 -45.98 -20.43
N LYS B 226 -64.95 -45.05 -21.38
CA LYS B 226 -66.03 -44.81 -22.35
C LYS B 226 -66.42 -46.10 -23.08
N GLY B 227 -65.41 -46.83 -23.55
CA GLY B 227 -65.61 -48.10 -24.27
C GLY B 227 -66.33 -49.16 -23.44
N VAL B 228 -66.04 -49.20 -22.14
CA VAL B 228 -66.75 -50.06 -21.22
C VAL B 228 -68.19 -49.57 -20.99
N GLU B 229 -68.38 -48.25 -20.84
CA GLU B 229 -69.71 -47.68 -20.59
C GLU B 229 -70.66 -47.95 -21.75
N ASN B 230 -70.15 -47.85 -22.98
CA ASN B 230 -70.95 -48.14 -24.17
C ASN B 230 -71.43 -49.58 -24.25
N LYS B 231 -70.54 -50.52 -23.94
CA LYS B 231 -70.84 -51.95 -24.03
C LYS B 231 -71.80 -52.34 -22.92
N MET B 232 -71.71 -51.61 -21.82
CA MET B 232 -72.63 -51.78 -20.71
C MET B 232 -74.02 -51.30 -21.12
N LYS B 233 -74.09 -50.24 -21.93
CA LYS B 233 -75.36 -49.73 -22.43
C LYS B 233 -75.99 -50.68 -23.45
N GLN B 234 -75.14 -51.38 -24.20
CA GLN B 234 -75.59 -52.45 -25.11
C GLN B 234 -76.25 -53.58 -24.32
N ILE B 235 -75.60 -54.00 -23.23
CA ILE B 235 -76.16 -55.03 -22.36
C ILE B 235 -77.50 -54.58 -21.78
N GLU B 236 -77.58 -53.33 -21.35
CA GLU B 236 -78.81 -52.76 -20.79
C GLU B 236 -79.98 -52.85 -21.78
N ASP B 237 -79.72 -52.51 -23.05
CA ASP B 237 -80.75 -52.59 -24.10
C ASP B 237 -81.20 -54.02 -24.37
N LYS B 238 -80.26 -54.96 -24.35
CA LYS B 238 -80.57 -56.40 -24.55
C LYS B 238 -81.43 -56.94 -23.42
N ILE B 239 -81.14 -56.52 -22.20
CA ILE B 239 -81.94 -56.89 -21.04
C ILE B 239 -83.38 -56.37 -21.13
N GLU B 240 -83.53 -55.08 -21.45
CA GLU B 240 -84.85 -54.45 -21.60
C GLU B 240 -85.66 -55.18 -22.66
N GLU B 241 -84.97 -55.62 -23.71
CA GLU B 241 -85.58 -56.40 -24.78
C GLU B 241 -85.96 -57.82 -24.32
N ILE B 242 -85.09 -58.44 -23.53
CA ILE B 242 -85.36 -59.76 -22.96
C ILE B 242 -86.56 -59.70 -22.02
N LEU B 243 -86.61 -58.67 -21.18
CA LEU B 243 -87.73 -58.46 -20.26
C LEU B 243 -89.05 -58.29 -21.02
N SER B 244 -89.00 -57.56 -22.12
CA SER B 244 -90.16 -57.37 -22.98
C SER B 244 -90.62 -58.71 -23.57
N LYS B 245 -89.69 -59.47 -24.13
CA LYS B 245 -89.99 -60.82 -24.65
C LYS B 245 -90.71 -61.67 -23.61
N ILE B 246 -90.13 -61.73 -22.41
CA ILE B 246 -90.70 -62.50 -21.32
C ILE B 246 -92.12 -62.05 -20.95
N TYR B 247 -92.37 -60.75 -20.95
CA TYR B 247 -93.71 -60.20 -20.68
C TYR B 247 -94.73 -60.73 -21.70
N HIS B 248 -94.33 -60.80 -22.97
CA HIS B 248 -95.20 -61.32 -24.03
C HIS B 248 -95.40 -62.84 -23.90
N ILE B 249 -94.37 -63.56 -23.49
CA ILE B 249 -94.46 -65.01 -23.28
C ILE B 249 -95.39 -65.32 -22.10
N GLU B 250 -95.22 -64.58 -21.01
CA GLU B 250 -96.03 -64.76 -19.80
C GLU B 250 -97.51 -64.48 -20.08
N ASN B 251 -97.79 -63.44 -20.88
CA ASN B 251 -99.15 -63.13 -21.33
C ASN B 251 -99.71 -64.21 -22.28
N GLU B 252 -98.85 -64.72 -23.16
CA GLU B 252 -99.23 -65.78 -24.12
C GLU B 252 -99.58 -67.09 -23.42
N ILE B 253 -98.77 -67.47 -22.42
CA ILE B 253 -99.03 -68.67 -21.61
C ILE B 253 -100.34 -68.57 -20.82
N ALA B 254 -100.63 -67.38 -20.30
CA ALA B 254 -101.85 -67.13 -19.53
C ALA B 254 -103.12 -67.25 -20.40
N ARG B 255 -103.00 -66.87 -21.67
CA ARG B 255 -104.10 -67.03 -22.63
C ARG B 255 -104.26 -68.49 -23.06
N ILE B 256 -103.17 -69.24 -23.06
CA ILE B 256 -103.23 -70.70 -23.30
C ILE B 256 -103.91 -71.40 -22.12
N LYS B 257 -103.69 -70.88 -20.92
CA LYS B 257 -104.31 -71.45 -19.70
C LYS B 257 -105.84 -71.48 -19.75
N LYS B 258 -106.44 -70.61 -20.55
CA LYS B 258 -107.86 -70.64 -20.84
C LYS B 258 -108.12 -71.24 -22.24
N MET C 1 99.93 78.80 33.60
CA MET C 1 99.19 78.05 32.55
C MET C 1 98.98 76.57 32.92
N LYS C 2 99.29 76.21 34.17
CA LYS C 2 99.08 74.82 34.66
C LYS C 2 97.60 74.45 34.65
N GLN C 3 96.76 75.39 35.07
CA GLN C 3 95.31 75.18 35.05
C GLN C 3 94.79 74.92 33.64
N ILE C 4 95.34 75.62 32.65
CA ILE C 4 94.93 75.43 31.26
C ILE C 4 95.28 74.02 30.74
N GLU C 5 96.50 73.55 31.00
CA GLU C 5 96.89 72.21 30.58
C GLU C 5 96.08 71.14 31.34
N ASP C 6 95.80 71.36 32.62
CA ASP C 6 94.89 70.46 33.37
C ASP C 6 93.50 70.38 32.73
N LYS C 7 92.95 71.53 32.36
CA LYS C 7 91.63 71.59 31.73
C LYS C 7 91.63 70.95 30.36
N ILE C 8 92.72 71.10 29.60
CA ILE C 8 92.82 70.46 28.30
CA ILE C 8 92.82 70.46 28.30
C ILE C 8 92.72 68.94 28.48
N GLU C 9 93.47 68.41 29.45
CA GLU C 9 93.44 66.97 29.76
C GLU C 9 92.07 66.50 30.16
N GLU C 10 91.36 67.30 30.96
CA GLU C 10 89.99 67.03 31.40
C GLU C 10 89.05 66.97 30.18
N ILE C 11 89.21 67.93 29.27
CA ILE C 11 88.41 67.99 28.05
C ILE C 11 88.61 66.73 27.21
N LEU C 12 89.86 66.30 27.06
CA LEU C 12 90.20 65.15 26.24
C LEU C 12 89.66 63.86 26.85
N SER C 13 89.77 63.76 28.16
CA SER C 13 89.20 62.64 28.87
C SER C 13 87.69 62.56 28.65
N LYS C 14 87.01 63.69 28.78
CA LYS C 14 85.55 63.70 28.58
C LYS C 14 85.16 63.31 27.15
N ILE C 15 85.96 63.74 26.18
CA ILE C 15 85.70 63.42 24.79
C ILE C 15 85.85 61.93 24.51
N TYR C 16 86.90 61.31 25.03
CA TYR C 16 87.08 59.87 24.90
C TYR C 16 85.83 59.13 25.38
N HIS C 17 85.31 59.53 26.53
CA HIS C 17 84.15 58.85 27.10
C HIS C 17 82.90 59.10 26.28
N ILE C 18 82.72 60.33 25.78
CA ILE C 18 81.61 60.62 24.87
C ILE C 18 81.70 59.78 23.59
N GLU C 19 82.90 59.69 23.01
CA GLU C 19 83.07 58.97 21.76
C GLU C 19 82.70 57.50 21.98
N ASN C 20 83.11 56.96 23.12
CA ASN C 20 82.73 55.60 23.50
C ASN C 20 81.22 55.40 23.63
N GLU C 21 80.54 56.38 24.21
CA GLU C 21 79.09 56.28 24.37
C GLU C 21 78.38 56.32 23.04
N ILE C 22 78.87 57.17 22.14
CA ILE C 22 78.34 57.25 20.79
C ILE C 22 78.44 55.89 20.10
N ALA C 23 79.57 55.20 20.27
CA ALA C 23 79.74 53.89 19.63
C ALA C 23 78.72 52.88 20.22
N ARG C 24 78.51 52.91 21.53
CA ARG C 24 77.53 52.04 22.19
C ARG C 24 76.11 52.35 21.69
N ILE C 25 75.80 53.62 21.55
CA ILE C 25 74.44 54.03 21.14
C ILE C 25 74.15 53.54 19.73
N LYS C 26 75.15 53.60 18.86
CA LYS C 26 75.01 53.15 17.49
C LYS C 26 74.77 51.63 17.41
N LYS C 27 75.39 50.87 18.30
CA LYS C 27 75.09 49.43 18.43
C LYS C 27 73.64 49.22 18.93
N LEU C 28 73.21 50.00 19.92
CA LEU C 28 71.87 49.87 20.45
C LEU C 28 70.81 50.09 19.39
N ILE C 29 71.02 51.11 18.57
CA ILE C 29 70.08 51.43 17.50
C ILE C 29 69.93 50.26 16.55
N LYS C 30 71.05 49.64 16.16
CA LYS C 30 71.02 48.48 15.31
C LYS C 30 70.28 47.27 15.93
N VAL C 31 70.43 47.06 17.24
CA VAL C 31 69.72 45.98 17.94
C VAL C 31 68.20 46.17 17.81
N THR C 32 67.75 47.39 18.08
CA THR C 32 66.35 47.75 17.94
C THR C 32 65.82 47.56 16.52
N ASP C 33 66.54 48.11 15.55
CA ASP C 33 66.11 47.99 14.18
C ASP C 33 65.98 46.54 13.74
N ALA C 34 66.86 45.65 14.20
CA ALA C 34 66.76 44.24 13.83
C ALA C 34 65.47 43.63 14.36
N GLN C 35 65.08 43.97 15.59
CA GLN C 35 63.84 43.49 16.15
C GLN C 35 62.63 44.12 15.44
N VAL C 36 62.72 45.42 15.18
CA VAL C 36 61.64 46.12 14.48
C VAL C 36 61.46 45.50 13.09
N SER C 37 62.57 45.17 12.43
CA SER C 37 62.51 44.47 11.14
C SER C 37 61.82 43.10 11.22
N ARG C 38 62.01 42.40 12.33
CA ARG C 38 61.33 41.12 12.56
C ARG C 38 59.87 41.32 12.80
N ASN C 39 59.52 42.28 13.65
CA ASN C 39 58.15 42.59 13.94
C ASN C 39 57.40 43.02 12.68
N THR C 40 58.03 43.86 11.85
CA THR C 40 57.40 44.31 10.61
C THR C 40 57.02 43.13 9.72
N GLN C 41 57.95 42.20 9.54
CA GLN C 41 57.73 40.99 8.75
C GLN C 41 56.65 40.10 9.39
N SER C 42 56.69 39.95 10.71
CA SER C 42 55.69 39.16 11.43
C SER C 42 54.29 39.71 11.19
N ILE C 43 54.18 41.03 11.13
CA ILE C 43 52.89 41.69 10.93
C ILE C 43 52.35 41.45 9.53
N THR C 44 53.23 41.49 8.55
CA THR C 44 52.86 41.27 7.15
C THR C 44 52.35 39.84 7.00
N ASN C 45 53.01 38.89 7.68
CA ASN C 45 52.58 37.48 7.65
C ASN C 45 51.20 37.32 8.30
N LEU C 46 50.99 38.00 9.43
CA LEU C 46 49.72 37.94 10.11
C LEU C 46 48.59 38.59 9.31
N ASN C 47 48.88 39.69 8.61
CA ASN C 47 47.87 40.30 7.74
C ASN C 47 47.40 39.30 6.68
N THR C 48 48.36 38.63 6.04
CA THR C 48 48.06 37.62 5.02
C THR C 48 47.27 36.47 5.61
N GLN C 49 47.69 36.00 6.79
CA GLN C 49 47.00 34.88 7.42
C GLN C 49 45.57 35.23 7.79
N VAL C 50 45.37 36.41 8.34
CA VAL C 50 44.06 36.83 8.80
C VAL C 50 43.13 37.07 7.61
N SER C 51 43.65 37.70 6.58
CA SER C 51 42.91 37.86 5.33
C SER C 51 42.39 36.51 4.80
N ASN C 52 43.27 35.50 4.79
CA ASN C 52 42.91 34.14 4.37
C ASN C 52 41.87 33.48 5.28
N LEU C 53 42.05 33.60 6.60
CA LEU C 53 41.05 33.07 7.52
C LEU C 53 39.69 33.70 7.24
N ASP C 54 39.68 35.01 6.97
CA ASP C 54 38.45 35.75 6.70
C ASP C 54 37.70 35.18 5.49
N THR C 55 38.43 34.86 4.44
CA THR C 55 37.83 34.30 3.23
C THR C 55 37.32 32.88 3.48
N ARG C 56 38.10 32.08 4.21
CA ARG C 56 37.69 30.71 4.51
C ARG C 56 36.45 30.73 5.41
N VAL C 57 36.38 31.70 6.32
CA VAL C 57 35.21 31.84 7.19
C VAL C 57 33.99 32.38 6.40
N THR C 58 34.18 33.37 5.52
CA THR C 58 33.05 33.89 4.73
C THR C 58 32.46 32.80 3.83
N ASN C 59 33.31 31.98 3.23
CA ASN C 59 32.85 30.90 2.36
C ASN C 59 32.01 29.89 3.11
N ILE C 60 32.42 29.57 4.34
CA ILE C 60 31.65 28.69 5.21
C ILE C 60 30.30 29.31 5.57
N GLU C 61 30.29 30.62 5.87
CA GLU C 61 29.05 31.33 6.20
C GLU C 61 28.05 31.29 5.04
N ASN C 62 28.57 31.39 3.82
CA ASN C 62 27.76 31.25 2.60
C ASN C 62 27.18 29.84 2.42
N GLY C 63 27.96 28.82 2.77
CA GLY C 63 27.53 27.42 2.59
C GLY C 63 26.47 26.92 3.56
N ILE C 64 26.65 27.21 4.84
CA ILE C 64 25.78 26.66 5.89
C ILE C 64 24.46 27.41 6.11
N GLY C 65 24.26 28.52 5.40
CA GLY C 65 23.10 29.40 5.61
C GLY C 65 21.77 28.67 5.74
N ASP C 66 21.36 28.02 4.67
CA ASP C 66 20.06 27.36 4.62
C ASP C 66 20.05 26.04 5.39
N ILE C 67 21.23 25.51 5.70
CA ILE C 67 21.31 24.17 6.28
C ILE C 67 20.99 24.23 7.77
N VAL C 68 21.55 25.22 8.47
CA VAL C 68 21.25 25.42 9.90
C VAL C 68 19.84 25.99 10.15
N THR C 69 19.40 26.94 9.33
CA THR C 69 18.12 27.63 9.56
C THR C 69 16.91 26.91 8.96
N THR C 70 17.06 26.37 7.75
CA THR C 70 15.96 25.68 7.07
C THR C 70 16.05 24.16 7.21
N GLY C 71 17.07 23.67 7.91
CA GLY C 71 17.27 22.22 8.14
C GLY C 71 17.41 21.35 6.89
N SER C 72 17.77 21.98 5.78
CA SER C 72 17.74 21.34 4.46
C SER C 72 19.13 21.33 3.79
N THR C 73 19.47 20.21 3.16
CA THR C 73 20.63 20.16 2.26
C THR C 73 20.14 20.24 0.81
N LYS C 74 21.04 20.26 -0.14
CA LYS C 74 20.62 20.40 -1.54
C LYS C 74 19.80 19.23 -2.06
N TYR C 75 19.93 18.05 -1.45
CA TYR C 75 19.16 16.89 -1.84
C TYR C 75 18.17 16.38 -0.81
N PHE C 76 18.21 16.94 0.40
CA PHE C 76 17.25 16.61 1.46
C PHE C 76 16.60 17.90 1.90
N LYS C 77 15.40 18.15 1.42
CA LYS C 77 14.76 19.47 1.60
C LYS C 77 13.36 19.41 2.16
N THR C 78 13.05 20.38 3.02
CA THR C 78 11.72 20.58 3.55
C THR C 78 11.38 22.08 3.54
N ASN C 79 10.09 22.38 3.44
CA ASN C 79 9.58 23.73 3.35
C ASN C 79 8.59 23.90 4.50
N THR C 80 9.11 24.32 5.66
CA THR C 80 8.36 24.28 6.89
C THR C 80 8.97 25.23 7.93
N ASP C 81 8.12 25.68 8.85
CA ASP C 81 8.54 26.47 10.00
C ASP C 81 8.36 25.72 11.34
N GLY C 82 7.83 24.50 11.31
CA GLY C 82 7.37 23.85 12.52
C GLY C 82 8.45 23.33 13.45
N ALA C 83 8.02 22.50 14.39
CA ALA C 83 8.92 21.94 15.41
C ALA C 83 9.90 20.97 14.78
N ASP C 84 11.06 20.82 15.41
CA ASP C 84 12.05 19.81 15.02
C ASP C 84 11.47 18.40 14.86
N ALA C 85 12.10 17.59 14.00
CA ALA C 85 11.75 16.17 13.92
C ALA C 85 12.22 15.54 15.23
N ASN C 86 11.69 14.38 15.59
CA ASN C 86 12.00 13.75 16.88
C ASN C 86 12.13 12.24 16.72
N ALA C 87 13.36 11.76 16.69
CA ALA C 87 13.68 10.34 16.60
C ALA C 87 13.90 9.81 18.01
N GLN C 88 12.81 9.42 18.67
CA GLN C 88 12.85 9.03 20.08
C GLN C 88 13.28 7.58 20.27
N GLY C 89 12.75 6.69 19.43
CA GLY C 89 13.01 5.26 19.56
C GLY C 89 14.45 4.93 19.16
N ALA C 90 14.99 3.86 19.73
CA ALA C 90 16.32 3.39 19.39
C ALA C 90 16.35 3.02 17.92
N ASP C 91 17.41 3.46 17.24
CA ASP C 91 17.56 3.27 15.78
C ASP C 91 16.40 3.82 14.93
N SER C 92 15.67 4.80 15.44
CA SER C 92 14.60 5.40 14.65
C SER C 92 15.09 6.52 13.73
N VAL C 93 14.25 6.82 12.75
CA VAL C 93 14.45 7.91 11.81
C VAL C 93 13.19 8.75 11.73
N ALA C 94 13.36 10.07 11.82
CA ALA C 94 12.24 11.01 11.75
C ALA C 94 12.57 12.06 10.70
N ILE C 95 11.67 12.25 9.74
CA ILE C 95 11.86 13.16 8.62
C ILE C 95 10.69 14.12 8.54
N GLY C 96 10.94 15.39 8.81
CA GLY C 96 9.91 16.40 8.67
C GLY C 96 9.58 17.08 9.99
N SER C 97 9.11 18.31 9.93
CA SER C 97 8.75 19.04 11.12
C SER C 97 7.54 18.34 11.79
N GLY C 98 7.56 18.33 13.11
CA GLY C 98 6.51 17.71 13.90
C GLY C 98 6.52 16.18 13.82
N SER C 99 7.42 15.59 13.04
CA SER C 99 7.44 14.14 12.92
C SER C 99 7.96 13.51 14.19
N ILE C 100 7.43 12.33 14.53
CA ILE C 100 7.84 11.60 15.73
C ILE C 100 7.96 10.11 15.42
N ALA C 101 9.18 9.61 15.52
CA ALA C 101 9.45 8.20 15.37
C ALA C 101 9.58 7.69 16.80
N ALA C 102 8.46 7.32 17.40
CA ALA C 102 8.39 7.01 18.82
C ALA C 102 9.04 5.67 19.13
N ALA C 103 8.87 4.71 18.25
CA ALA C 103 9.14 3.31 18.56
C ALA C 103 10.45 2.83 17.95
N GLU C 104 10.88 1.68 18.44
CA GLU C 104 12.15 1.08 18.08
C GLU C 104 12.21 0.77 16.60
N ASN C 105 13.34 1.10 15.99
CA ASN C 105 13.61 0.80 14.59
C ASN C 105 12.53 1.28 13.60
N SER C 106 11.90 2.41 13.90
CA SER C 106 10.80 2.92 13.12
C SER C 106 11.22 4.09 12.28
N VAL C 107 10.34 4.49 11.38
CA VAL C 107 10.58 5.62 10.51
C VAL C 107 9.29 6.41 10.39
N ALA C 108 9.35 7.70 10.73
CA ALA C 108 8.24 8.61 10.56
C ALA C 108 8.63 9.46 9.36
N LEU C 109 7.91 9.29 8.26
CA LEU C 109 8.18 10.04 7.03
C LEU C 109 7.05 11.05 6.81
N GLY C 110 7.42 12.31 6.87
CA GLY C 110 6.58 13.40 6.43
C GLY C 110 6.24 14.29 7.59
N THR C 111 5.93 15.54 7.26
CA THR C 111 5.51 16.53 8.22
C THR C 111 4.39 15.93 9.09
N ASN C 112 4.58 16.05 10.39
CA ASN C 112 3.66 15.52 11.40
C ASN C 112 3.44 14.01 11.33
N SER C 113 4.27 13.25 10.64
CA SER C 113 4.07 11.79 10.67
C SER C 113 4.48 11.23 12.05
N VAL C 114 3.76 10.22 12.50
CA VAL C 114 4.00 9.57 13.77
C VAL C 114 4.13 8.08 13.59
N ALA C 115 5.23 7.51 14.07
CA ALA C 115 5.44 6.05 14.03
C ALA C 115 5.46 5.55 15.46
N ASP C 116 4.43 4.79 15.81
CA ASP C 116 4.19 4.39 17.20
C ASP C 116 4.24 2.87 17.41
N GLU C 117 4.71 2.13 16.42
CA GLU C 117 4.88 0.69 16.56
C GLU C 117 6.27 0.33 16.05
N ALA C 118 6.94 -0.60 16.73
CA ALA C 118 8.27 -1.02 16.35
C ALA C 118 8.31 -1.59 14.93
N ASN C 119 9.41 -1.35 14.22
CA ASN C 119 9.64 -1.93 12.90
C ASN C 119 8.55 -1.52 11.91
N THR C 120 8.22 -0.24 11.91
CA THR C 120 7.28 0.27 10.93
C THR C 120 7.79 1.57 10.33
N VAL C 121 7.27 1.85 9.13
CA VAL C 121 7.38 3.14 8.49
C VAL C 121 6.00 3.76 8.41
N SER C 122 5.82 4.89 9.07
CA SER C 122 4.57 5.62 9.01
C SER C 122 4.68 6.77 8.02
N VAL C 123 3.66 6.89 7.17
CA VAL C 123 3.54 8.00 6.24
C VAL C 123 2.51 9.01 6.71
N GLY C 124 2.14 8.96 7.97
CA GLY C 124 1.22 9.93 8.51
C GLY C 124 0.90 9.66 9.95
N SER C 125 -0.33 9.93 10.34
CA SER C 125 -0.73 9.77 11.71
C SER C 125 -2.22 9.57 11.73
N SER C 126 -2.76 9.30 12.92
CA SER C 126 -4.17 9.09 13.07
C SER C 126 -4.98 10.36 12.80
N THR C 127 -4.34 11.54 12.94
CA THR C 127 -5.00 12.81 12.59
C THR C 127 -4.88 13.12 11.10
N GLN C 128 -3.86 12.59 10.42
CA GLN C 128 -3.72 12.82 8.97
C GLN C 128 -2.94 11.70 8.30
N GLN C 129 -3.63 10.96 7.42
CA GLN C 129 -2.99 9.86 6.66
C GLN C 129 -2.64 10.28 5.25
N ARG C 130 -1.81 9.52 4.59
CA ARG C 130 -1.36 9.87 3.26
C ARG C 130 -1.45 8.65 2.38
N ARG C 131 -1.87 8.88 1.14
CA ARG C 131 -1.79 7.86 0.12
C ARG C 131 -0.34 7.76 -0.33
N ILE C 132 0.02 6.60 -0.86
CA ILE C 132 1.33 6.41 -1.45
C ILE C 132 1.15 6.24 -2.95
N THR C 133 1.86 7.05 -3.73
CA THR C 133 1.61 7.19 -5.14
C THR C 133 2.81 6.78 -5.97
N ASN C 134 2.56 6.52 -7.25
CA ASN C 134 3.56 6.05 -8.17
C ASN C 134 4.24 4.76 -7.72
N VAL C 135 3.44 3.87 -7.17
CA VAL C 135 3.85 2.55 -6.81
C VAL C 135 3.67 1.58 -8.00
N ALA C 136 4.77 0.96 -8.43
CA ALA C 136 4.73 -0.04 -9.47
C ALA C 136 4.23 -1.34 -8.85
N ALA C 137 3.52 -2.12 -9.64
CA ALA C 137 2.91 -3.38 -9.19
C ALA C 137 3.93 -4.26 -8.50
N GLY C 138 3.59 -4.78 -7.33
CA GLY C 138 4.48 -5.69 -6.61
C GLY C 138 4.71 -7.00 -7.33
N VAL C 139 5.90 -7.58 -7.17
CA VAL C 139 6.27 -8.86 -7.79
C VAL C 139 6.62 -9.89 -6.71
N ASN C 140 7.60 -9.57 -5.85
CA ASN C 140 7.98 -10.42 -4.72
C ASN C 140 6.84 -10.43 -3.72
N ASN C 141 6.77 -11.50 -2.92
CA ASN C 141 5.73 -11.68 -1.91
C ASN C 141 5.69 -10.56 -0.90
N THR C 142 6.84 -9.95 -0.60
CA THR C 142 6.90 -8.82 0.33
C THR C 142 6.97 -7.44 -0.38
N ASP C 143 6.56 -7.40 -1.65
CA ASP C 143 6.37 -6.11 -2.31
C ASP C 143 4.98 -5.55 -2.00
N ALA C 144 4.86 -4.22 -1.96
CA ALA C 144 3.56 -3.57 -1.87
C ALA C 144 2.70 -3.80 -3.11
N VAL C 145 1.39 -3.68 -2.92
CA VAL C 145 0.39 -3.94 -3.95
C VAL C 145 -0.24 -2.60 -4.35
N ASN C 146 -0.45 -2.35 -5.65
CA ASN C 146 -1.17 -1.14 -6.04
C ASN C 146 -2.63 -1.41 -6.45
N VAL C 147 -3.36 -0.32 -6.68
CA VAL C 147 -4.80 -0.41 -6.96
C VAL C 147 -5.04 -1.18 -8.26
N ALA C 148 -4.20 -0.98 -9.27
CA ALA C 148 -4.34 -1.75 -10.48
C ALA C 148 -4.40 -3.26 -10.17
N GLN C 149 -3.47 -3.74 -9.34
CA GLN C 149 -3.43 -5.17 -8.97
C GLN C 149 -4.69 -5.67 -8.28
N LEU C 150 -5.22 -4.86 -7.36
CA LEU C 150 -6.46 -5.24 -6.69
C LEU C 150 -7.59 -5.29 -7.71
N LYS C 151 -7.63 -4.32 -8.62
CA LYS C 151 -8.71 -4.30 -9.60
C LYS C 151 -8.61 -5.50 -10.54
N ALA C 152 -7.38 -5.93 -10.82
CA ALA C 152 -7.17 -7.08 -11.69
C ALA C 152 -7.54 -8.39 -10.97
N SER C 153 -7.43 -8.44 -9.64
CA SER C 153 -7.95 -9.61 -8.91
C SER C 153 -9.48 -9.64 -8.95
N GLU C 154 -10.11 -8.47 -9.01
CA GLU C 154 -11.57 -8.45 -9.11
C GLU C 154 -12.02 -8.79 -10.52
N ALA C 155 -11.27 -8.33 -11.51
CA ALA C 155 -11.76 -8.44 -12.89
C ALA C 155 -11.83 -9.91 -13.28
N GLY C 156 -12.92 -10.29 -13.94
CA GLY C 156 -13.10 -11.66 -14.40
C GLY C 156 -13.49 -12.65 -13.32
N SER C 157 -13.78 -12.14 -12.11
CA SER C 157 -14.17 -13.03 -11.00
C SER C 157 -15.67 -12.93 -10.75
N VAL C 158 -16.21 -13.93 -10.04
CA VAL C 158 -17.61 -13.94 -9.62
C VAL C 158 -17.74 -13.22 -8.29
N ARG C 159 -18.52 -12.15 -8.25
CA ARG C 159 -18.60 -11.32 -7.06
C ARG C 159 -20.02 -10.99 -6.71
N TYR C 160 -20.29 -10.83 -5.42
CA TYR C 160 -21.56 -10.31 -4.94
C TYR C 160 -21.60 -8.83 -5.27
N GLU C 161 -22.79 -8.28 -5.43
CA GLU C 161 -22.93 -6.83 -5.64
C GLU C 161 -22.94 -6.21 -4.27
N THR C 162 -22.63 -4.91 -4.19
CA THR C 162 -22.77 -4.18 -2.94
C THR C 162 -24.09 -3.39 -2.87
N ASN C 163 -24.51 -3.09 -1.64
CA ASN C 163 -25.56 -2.11 -1.39
C ASN C 163 -24.87 -0.75 -1.29
N ALA C 164 -24.97 -0.12 -0.13
CA ALA C 164 -24.32 1.15 0.20
C ALA C 164 -24.88 1.43 1.58
N ASP C 165 -24.39 0.70 2.59
CA ASP C 165 -25.03 0.64 3.91
C ASP C 165 -24.01 0.77 5.06
N SER C 167 -22.64 -3.50 3.60
CA SER C 167 -22.33 -3.00 2.27
C SER C 167 -22.39 -4.07 1.18
N VAL C 168 -22.03 -5.30 1.49
CA VAL C 168 -22.10 -6.39 0.47
C VAL C 168 -23.44 -7.11 0.56
N ASN C 169 -24.10 -7.28 -0.59
CA ASN C 169 -25.40 -7.98 -0.63
C ASN C 169 -25.23 -9.48 -0.95
N TYR C 170 -25.25 -10.31 0.09
CA TYR C 170 -25.08 -11.76 -0.06
C TYR C 170 -26.35 -12.51 -0.49
N SER C 171 -27.48 -11.81 -0.58
CA SER C 171 -28.76 -12.45 -0.94
C SER C 171 -28.93 -12.74 -2.45
N VAL C 172 -28.17 -12.04 -3.30
CA VAL C 172 -28.19 -12.28 -4.75
C VAL C 172 -26.78 -12.34 -5.30
N LEU C 173 -26.52 -13.32 -6.16
CA LEU C 173 -25.31 -13.38 -6.92
C LEU C 173 -25.68 -13.35 -8.41
N ASN C 174 -25.34 -12.26 -9.09
CA ASN C 174 -25.68 -12.13 -10.50
C ASN C 174 -24.53 -12.51 -11.42
N LEU C 175 -24.76 -13.53 -12.22
CA LEU C 175 -23.78 -13.96 -13.20
C LEU C 175 -24.03 -13.21 -14.50
N GLY C 176 -23.52 -13.74 -15.59
CA GLY C 176 -23.78 -13.17 -16.91
C GLY C 176 -22.87 -12.01 -17.23
N ASP C 177 -23.09 -11.43 -18.41
CA ASP C 177 -22.19 -10.43 -18.98
C ASP C 177 -22.60 -8.98 -18.67
N GLY C 178 -23.56 -8.78 -17.78
CA GLY C 178 -24.01 -7.43 -17.39
C GLY C 178 -24.90 -6.68 -18.38
N SER C 179 -25.28 -7.33 -19.48
CA SER C 179 -26.10 -6.68 -20.51
C SER C 179 -27.14 -7.60 -21.16
N GLY C 180 -27.61 -8.61 -20.42
CA GLY C 180 -28.66 -9.52 -20.93
C GLY C 180 -28.22 -10.96 -21.12
N GLY C 181 -26.91 -11.19 -21.24
CA GLY C 181 -26.37 -12.52 -21.51
C GLY C 181 -26.37 -13.31 -20.22
N THR C 182 -26.59 -14.62 -20.33
CA THR C 182 -26.62 -15.48 -19.16
C THR C 182 -25.41 -16.40 -19.12
N THR C 183 -25.21 -17.06 -17.99
CA THR C 183 -24.06 -17.90 -17.78
C THR C 183 -24.50 -19.33 -17.53
N ARG C 184 -23.94 -20.26 -18.31
CA ARG C 184 -24.18 -21.68 -18.05
C ARG C 184 -23.16 -22.18 -17.02
N ILE C 185 -23.65 -22.68 -15.89
CA ILE C 185 -22.77 -23.18 -14.84
C ILE C 185 -22.45 -24.67 -15.02
N GLY C 186 -21.18 -24.98 -15.20
CA GLY C 186 -20.73 -26.35 -15.48
C GLY C 186 -20.09 -27.00 -14.28
N ASN C 187 -20.02 -28.33 -14.33
CA ASN C 187 -19.40 -29.20 -13.31
C ASN C 187 -20.03 -29.00 -11.94
N VAL C 188 -21.36 -29.08 -11.89
CA VAL C 188 -22.14 -28.92 -10.66
C VAL C 188 -22.50 -30.32 -10.15
N SER C 189 -22.14 -30.63 -8.91
CA SER C 189 -22.44 -31.90 -8.31
C SER C 189 -23.92 -31.95 -7.95
N ALA C 190 -24.46 -33.17 -7.86
CA ALA C 190 -25.87 -33.34 -7.52
C ALA C 190 -26.14 -32.72 -6.15
N ALA C 191 -27.29 -32.11 -6.01
CA ALA C 191 -27.69 -31.49 -4.75
C ALA C 191 -27.94 -32.60 -3.72
N VAL C 192 -27.51 -32.34 -2.49
CA VAL C 192 -27.71 -33.26 -1.36
C VAL C 192 -28.66 -32.61 -0.35
N ASN C 193 -28.34 -31.39 0.05
CA ASN C 193 -29.16 -30.60 0.97
C ASN C 193 -30.25 -29.81 0.24
N ASP C 194 -31.32 -29.48 0.96
CA ASP C 194 -32.42 -28.71 0.38
C ASP C 194 -31.96 -27.43 -0.32
N THR C 195 -30.94 -26.76 0.23
CA THR C 195 -30.47 -25.47 -0.29
C THR C 195 -29.28 -25.62 -1.22
N ASP C 196 -29.07 -26.81 -1.77
CA ASP C 196 -28.03 -27.00 -2.78
C ASP C 196 -28.61 -26.78 -4.17
N ALA C 197 -27.83 -26.22 -5.09
CA ALA C 197 -28.24 -26.09 -6.48
C ALA C 197 -28.35 -27.48 -7.08
N VAL C 198 -29.37 -27.69 -7.92
CA VAL C 198 -29.55 -28.99 -8.54
C VAL C 198 -28.90 -28.99 -9.91
N ASN C 199 -28.50 -30.17 -10.39
CA ASN C 199 -28.00 -30.28 -11.75
C ASN C 199 -29.04 -30.91 -12.71
N TYR C 200 -28.72 -30.92 -14.00
CA TYR C 200 -29.65 -31.33 -15.05
C TYR C 200 -29.99 -32.81 -14.97
N ALA C 201 -29.00 -33.61 -14.58
CA ALA C 201 -29.16 -35.04 -14.28
C ALA C 201 -30.28 -35.27 -13.27
N GLN C 202 -30.31 -34.45 -12.22
CA GLN C 202 -31.36 -34.57 -11.21
C GLN C 202 -32.70 -34.12 -11.72
N LEU C 203 -32.71 -33.08 -12.55
CA LEU C 203 -33.96 -32.60 -13.10
C LEU C 203 -34.61 -33.70 -13.94
N LYS C 204 -33.80 -34.34 -14.79
CA LYS C 204 -34.30 -35.40 -15.66
C LYS C 204 -34.86 -36.57 -14.87
N ARG C 205 -34.13 -36.99 -13.84
CA ARG C 205 -34.57 -38.09 -12.98
C ARG C 205 -35.91 -37.77 -12.33
N SER C 206 -36.13 -36.51 -11.99
CA SER C 206 -37.36 -36.11 -11.31
C SER C 206 -38.56 -36.10 -12.25
N VAL C 207 -38.35 -35.77 -13.52
CA VAL C 207 -39.43 -35.87 -14.50
C VAL C 207 -39.80 -37.35 -14.66
N GLU C 208 -38.78 -38.20 -14.76
CA GLU C 208 -38.98 -39.65 -14.83
C GLU C 208 -39.79 -40.18 -13.63
N GLU C 209 -39.58 -39.62 -12.44
CA GLU C 209 -40.33 -40.05 -11.24
C GLU C 209 -41.81 -39.70 -11.34
N ALA C 210 -42.10 -38.47 -11.78
CA ALA C 210 -43.47 -38.03 -12.02
C ALA C 210 -44.18 -38.94 -13.03
N ASN C 211 -43.52 -39.24 -14.14
CA ASN C 211 -44.08 -40.11 -15.19
C ASN C 211 -44.25 -41.57 -14.71
N THR C 212 -43.32 -42.05 -13.89
CA THR C 212 -43.46 -43.36 -13.24
C THR C 212 -44.66 -43.37 -12.29
N TYR C 213 -44.88 -42.27 -11.59
CA TYR C 213 -46.01 -42.16 -10.69
C TYR C 213 -47.30 -42.20 -11.49
N THR C 214 -47.34 -41.48 -12.61
CA THR C 214 -48.45 -41.54 -13.54
C THR C 214 -48.66 -42.97 -14.09
N ASP C 215 -47.59 -43.64 -14.49
CA ASP C 215 -47.67 -45.01 -15.02
C ASP C 215 -48.22 -46.01 -13.99
N GLN C 216 -47.89 -45.80 -12.71
CA GLN C 216 -48.33 -46.69 -11.65
C GLN C 216 -49.83 -46.55 -11.44
N LYS C 217 -50.30 -45.32 -11.42
CA LYS C 217 -51.73 -45.04 -11.25
C LYS C 217 -52.52 -45.53 -12.46
N MET C 218 -51.97 -45.38 -13.66
CA MET C 218 -52.59 -45.94 -14.86
C MET C 218 -52.76 -47.46 -14.73
N GLY C 219 -51.76 -48.13 -14.17
CA GLY C 219 -51.79 -49.56 -13.95
C GLY C 219 -52.86 -50.00 -12.96
N GLU C 220 -53.01 -49.24 -11.87
CA GLU C 220 -54.06 -49.50 -10.88
C GLU C 220 -55.46 -49.43 -11.50
N MET C 221 -55.69 -48.40 -12.32
CA MET C 221 -56.93 -48.24 -13.04
C MET C 221 -57.13 -49.31 -14.12
N ASN C 222 -56.06 -49.72 -14.79
CA ASN C 222 -56.16 -50.81 -15.77
C ASN C 222 -56.65 -52.14 -15.17
N SER C 223 -56.24 -52.42 -13.94
CA SER C 223 -56.65 -53.65 -13.26
C SER C 223 -58.11 -53.59 -12.80
N LYS C 224 -58.56 -52.41 -12.38
CA LYS C 224 -59.98 -52.23 -12.00
C LYS C 224 -60.86 -52.41 -13.23
N ILE C 225 -60.42 -51.89 -14.37
CA ILE C 225 -61.10 -52.11 -15.65
C ILE C 225 -61.13 -53.59 -16.06
N LYS C 226 -59.97 -54.23 -16.06
CA LYS C 226 -59.91 -55.64 -16.40
C LYS C 226 -60.92 -56.41 -15.55
N GLY C 227 -60.97 -56.09 -14.26
CA GLY C 227 -61.91 -56.73 -13.33
C GLY C 227 -63.36 -56.52 -13.74
N VAL C 228 -63.67 -55.31 -14.19
CA VAL C 228 -65.00 -55.00 -14.71
C VAL C 228 -65.29 -55.78 -15.99
N GLU C 229 -64.31 -55.88 -16.88
CA GLU C 229 -64.47 -56.64 -18.14
C GLU C 229 -64.54 -58.14 -17.91
N ASN C 230 -63.95 -58.61 -16.80
CA ASN C 230 -64.04 -60.00 -16.38
C ASN C 230 -65.48 -60.38 -16.01
N LYS C 231 -66.10 -59.54 -15.19
CA LYS C 231 -67.52 -59.72 -14.81
C LYS C 231 -68.45 -59.54 -16.01
N MET C 232 -68.03 -58.70 -16.95
CA MET C 232 -68.79 -58.36 -18.15
C MET C 232 -68.87 -59.50 -19.16
N LYS C 233 -67.75 -60.19 -19.36
CA LYS C 233 -67.77 -61.34 -20.26
C LYS C 233 -68.66 -62.44 -19.68
N GLN C 234 -68.55 -62.66 -18.38
CA GLN C 234 -69.41 -63.63 -17.68
C GLN C 234 -70.88 -63.29 -17.91
N ILE C 235 -71.22 -62.02 -17.77
CA ILE C 235 -72.58 -61.54 -18.03
C ILE C 235 -72.97 -61.80 -19.48
N GLU C 236 -72.06 -61.52 -20.41
CA GLU C 236 -72.31 -61.75 -21.84
C GLU C 236 -72.67 -63.20 -22.16
N ASP C 237 -71.95 -64.14 -21.54
CA ASP C 237 -72.23 -65.57 -21.71
C ASP C 237 -73.59 -65.98 -21.12
N LYS C 238 -73.93 -65.42 -19.95
CA LYS C 238 -75.23 -65.69 -19.31
C LYS C 238 -76.39 -65.20 -20.17
N ILE C 239 -76.21 -64.03 -20.78
CA ILE C 239 -77.21 -63.46 -21.68
C ILE C 239 -77.42 -64.33 -22.93
N GLU C 240 -76.33 -64.74 -23.57
CA GLU C 240 -76.42 -65.61 -24.75
C GLU C 240 -77.16 -66.91 -24.41
N GLU C 241 -76.90 -67.41 -23.20
CA GLU C 241 -77.58 -68.61 -22.68
C GLU C 241 -79.06 -68.36 -22.40
N ILE C 242 -79.38 -67.19 -21.84
CA ILE C 242 -80.77 -66.81 -21.60
C ILE C 242 -81.51 -66.66 -22.93
N LEU C 243 -80.88 -66.00 -23.89
CA LEU C 243 -81.46 -65.84 -25.23
C LEU C 243 -81.77 -67.20 -25.87
N SER C 244 -80.85 -68.14 -25.70
CA SER C 244 -81.02 -69.50 -26.20
C SER C 244 -82.21 -70.19 -25.53
N LYS C 245 -82.28 -70.12 -24.20
CA LYS C 245 -83.41 -70.69 -23.44
C LYS C 245 -84.74 -70.15 -23.96
N ILE C 246 -84.82 -68.83 -24.10
CA ILE C 246 -86.03 -68.17 -24.62
C ILE C 246 -86.42 -68.64 -26.02
N TYR C 247 -85.43 -68.85 -26.89
CA TYR C 247 -85.67 -69.38 -28.24
C TYR C 247 -86.35 -70.75 -28.18
N HIS C 248 -85.87 -71.62 -27.28
CA HIS C 248 -86.45 -72.95 -27.10
C HIS C 248 -87.83 -72.90 -26.46
N ILE C 249 -88.05 -71.95 -25.55
CA ILE C 249 -89.38 -71.76 -24.94
C ILE C 249 -90.39 -71.26 -25.98
N GLU C 250 -89.98 -70.28 -26.78
CA GLU C 250 -90.84 -69.70 -27.81
C GLU C 250 -91.24 -70.75 -28.84
N ASN C 251 -90.29 -71.60 -29.22
CA ASN C 251 -90.56 -72.73 -30.13
C ASN C 251 -91.47 -73.78 -29.48
N GLU C 252 -91.27 -74.03 -28.19
CA GLU C 252 -92.08 -75.01 -27.45
C GLU C 252 -93.53 -74.54 -27.31
N ILE C 253 -93.72 -73.25 -27.01
CA ILE C 253 -95.06 -72.65 -26.93
C ILE C 253 -95.81 -72.71 -28.26
N ALA C 254 -95.08 -72.47 -29.35
CA ALA C 254 -95.65 -72.50 -30.71
C ALA C 254 -96.14 -73.90 -31.10
N ARG C 255 -95.43 -74.93 -30.63
CA ARG C 255 -95.84 -76.32 -30.87
C ARG C 255 -97.02 -76.72 -29.98
N ILE C 256 -97.15 -76.09 -28.81
CA ILE C 256 -98.34 -76.25 -27.96
C ILE C 256 -99.55 -75.60 -28.62
N LYS C 257 -99.32 -74.48 -29.30
CA LYS C 257 -100.39 -73.76 -30.01
C LYS C 257 -101.16 -74.64 -31.01
N LYS C 258 -100.48 -75.66 -31.54
CA LYS C 258 -101.12 -76.67 -32.38
C LYS C 258 -101.39 -77.94 -31.58
#